data_6JVC
#
_entry.id   6JVC
#
_cell.length_a   58.898
_cell.length_b   148.247
_cell.length_c   63.219
_cell.angle_alpha   90.000
_cell.angle_beta   98.020
_cell.angle_gamma   90.000
#
_symmetry.space_group_name_H-M   'P 1 21 1'
#
loop_
_entity.id
_entity.type
_entity.pdbx_description
1 polymer 'Bifunctional cytochrome P450/NADPH--P450 reductase'
2 non-polymer '(2S)-2-[[(1R,4aR,4bR,10aR)-1,4a-dimethyl-7-propan-2-yl-2,3,4,4b,5,6,10,10a-octahydrophenanthren-1-yl]carbonylamino]-3-( 1H-indol-3-yl)propanoic acid'
3 non-polymer GLYCEROL
4 non-polymer 'PROTOPORPHYRIN IX CONTAINING CO'
5 non-polymer 'DIMETHYL SULFOXIDE'
6 non-polymer 2-AMINO-2-HYDROXYMETHYL-PROPANE-1,3-DIOL
7 water water
#
_entity_poly.entity_id   1
_entity_poly.type   'polypeptide(L)'
_entity_poly.pdbx_seq_one_letter_code
;MTIKEMPQPKTFGELKNLPLLNTDKPVQALMKIADELGEIFKFEAPGRVTRYLSSQRLIKEACDESRFDKNLSQALKFVR
DFAGDGLFTSWTHEKNWKKAHNILLPSFSQQAMKGYHAMMVDIAVQLVQKWERLNADEHIEVPEDMTRLTLDTIGLCGFN
YRFNSFYRDQPHPFITSMVRALDEAMNKLQRANPDDPAYDENKRQFQEDIKVMNDLVDKIIADRKASGEQSDDLLTHMLN
GKDPETGEPLDDENIRYQIITFLIAGHETTSGLLSFALYFLVKNPHVLQKAAEEAARVLVDPVPSYKQVKQLKYVGMVLN
EALRLWPTAPAFSLYAKEDTVLGGEYPLEKGDELMVLIPQLHRDKTIWGDDVEEFRPERFENPSAIPQHAFKPFGNGQRA
CIGQQFALHEATLVLGMMLKHFDFEDHTNYELDIKETLTLKPEGFVVKAKSKKIPL
;
_entity_poly.pdbx_strand_id   A,C
#
loop_
_chem_comp.id
_chem_comp.type
_chem_comp.name
_chem_comp.formula
COH non-polymer 'PROTOPORPHYRIN IX CONTAINING CO' 'C34 H32 Co N4 O4'
DMS non-polymer 'DIMETHYL SULFOXIDE' 'C2 H6 O S'
GOL non-polymer GLYCEROL 'C3 H8 O3'
TRS non-polymer 2-AMINO-2-HYDROXYMETHYL-PROPANE-1,3-DIOL 'C4 H12 N O3 1'
WAA non-polymer '(2S)-2-[[(1R,4aR,4bR,10aR)-1,4a-dimethyl-7-propan-2-yl-2,3,4,4b,5,6,10,10a-octahydrophenanthren-1-yl]carbonylamino]-3-( 1H-indol-3-yl)propanoic acid' 'C31 H40 N2 O3'
#
# COMPACT_ATOMS: atom_id res chain seq x y z
N ILE A 3 60.59 -5.58 8.52
CA ILE A 3 59.65 -5.28 9.65
C ILE A 3 59.40 -3.77 9.67
N LYS A 4 58.17 -3.35 9.36
CA LYS A 4 57.79 -1.93 9.11
C LYS A 4 56.85 -1.44 10.22
N GLU A 5 56.94 -0.14 10.53
CA GLU A 5 56.02 0.50 11.50
C GLU A 5 54.71 0.85 10.77
N MET A 6 53.59 0.41 11.31
CA MET A 6 52.23 0.69 10.77
C MET A 6 51.84 2.16 10.96
N PRO A 7 51.37 2.87 9.94
CA PRO A 7 50.81 4.20 10.15
C PRO A 7 49.54 4.17 11.02
N GLN A 8 49.24 5.30 11.63
CA GLN A 8 48.08 5.46 12.54
C GLN A 8 47.48 6.85 12.31
N PRO A 9 46.13 6.99 12.21
CA PRO A 9 45.52 8.29 12.05
C PRO A 9 45.62 9.10 13.35
N LYS A 10 45.10 10.32 13.29
CA LYS A 10 45.33 11.34 14.36
C LYS A 10 44.67 10.86 15.65
N THR A 11 45.24 11.26 16.78
CA THR A 11 44.86 10.75 18.11
C THR A 11 44.31 11.92 18.92
N PHE A 12 43.65 11.56 19.99
CA PHE A 12 42.82 12.46 20.83
C PHE A 12 43.17 12.18 22.27
N GLY A 13 44.46 12.26 22.62
CA GLY A 13 44.91 12.05 24.02
C GLY A 13 44.60 10.64 24.46
N GLU A 14 43.92 10.50 25.60
CA GLU A 14 43.64 9.19 26.23
C GLU A 14 42.63 8.43 25.37
N LEU A 15 41.85 9.12 24.54
CA LEU A 15 40.81 8.45 23.70
C LEU A 15 41.44 7.89 22.41
N LYS A 16 42.73 8.15 22.18
CA LYS A 16 43.47 7.55 21.03
C LYS A 16 42.67 7.88 19.78
N ASN A 17 42.37 6.90 18.92
CA ASN A 17 41.68 7.20 17.63
C ASN A 17 40.15 7.13 17.78
N LEU A 18 39.63 6.74 18.95
CA LEU A 18 38.17 6.48 19.10
C LEU A 18 37.30 7.61 18.51
N PRO A 19 37.49 8.93 18.79
CA PRO A 19 36.62 9.98 18.24
C PRO A 19 36.46 10.07 16.71
N LEU A 20 37.37 9.48 15.94
CA LEU A 20 37.30 9.45 14.45
C LEU A 20 36.05 8.68 14.00
N LEU A 21 35.54 7.75 14.83
CA LEU A 21 34.33 6.96 14.48
C LEU A 21 33.07 7.56 15.10
N ASN A 22 33.20 8.67 15.83
N ASN A 22 33.22 8.66 15.84
CA ASN A 22 32.06 9.48 16.32
CA ASN A 22 32.10 9.52 16.32
C ASN A 22 31.55 10.36 15.17
C ASN A 22 31.59 10.36 15.14
N THR A 23 30.85 9.72 14.22
CA THR A 23 30.43 10.34 12.94
C THR A 23 29.25 9.51 12.41
N ASP A 24 28.39 10.12 11.61
CA ASP A 24 27.29 9.36 10.98
C ASP A 24 27.80 8.66 9.72
N LYS A 25 29.05 8.88 9.25
CA LYS A 25 29.54 8.19 8.01
C LYS A 25 30.91 7.58 8.27
N PRO A 26 31.00 6.62 9.22
CA PRO A 26 32.28 6.05 9.59
C PRO A 26 33.01 5.30 8.47
N VAL A 27 32.30 4.57 7.62
CA VAL A 27 33.00 3.85 6.52
C VAL A 27 33.63 4.88 5.60
N GLN A 28 32.90 5.94 5.24
CA GLN A 28 33.43 7.00 4.35
C GLN A 28 34.58 7.71 5.05
N ALA A 29 34.54 7.92 6.35
CA ALA A 29 35.67 8.52 7.11
C ALA A 29 36.93 7.62 7.02
N LEU A 30 36.76 6.32 7.17
CA LEU A 30 37.86 5.30 7.15
C LEU A 30 38.44 5.23 5.75
N MET A 31 37.60 5.37 4.73
CA MET A 31 38.10 5.41 3.33
C MET A 31 39.03 6.63 3.14
N LYS A 32 38.65 7.79 3.68
CA LYS A 32 39.48 9.02 3.50
C LYS A 32 40.80 8.81 4.24
N ILE A 33 40.77 8.14 5.39
CA ILE A 33 42.01 7.85 6.16
C ILE A 33 42.91 6.90 5.36
N ALA A 34 42.31 5.88 4.76
CA ALA A 34 43.08 4.93 3.93
C ALA A 34 43.69 5.67 2.73
N ASP A 35 42.99 6.62 2.12
CA ASP A 35 43.53 7.42 0.98
C ASP A 35 44.78 8.14 1.46
N GLU A 36 44.77 8.59 2.72
CA GLU A 36 45.93 9.33 3.30
C GLU A 36 47.08 8.38 3.66
N LEU A 37 46.79 7.32 4.40
CA LEU A 37 47.80 6.48 5.09
C LEU A 37 48.20 5.25 4.29
N GLY A 38 47.38 4.82 3.34
CA GLY A 38 47.77 3.67 2.48
C GLY A 38 47.12 2.36 2.86
N GLU A 39 47.81 1.28 2.53
CA GLU A 39 47.22 -0.08 2.49
C GLU A 39 46.95 -0.63 3.88
N ILE A 40 47.51 -0.07 4.95
CA ILE A 40 47.22 -0.59 6.30
C ILE A 40 47.38 0.54 7.30
N PHE A 41 46.52 0.62 8.30
CA PHE A 41 46.71 1.57 9.43
C PHE A 41 46.18 0.91 10.68
N LYS A 42 46.84 1.24 11.79
CA LYS A 42 46.47 0.84 13.16
C LYS A 42 45.40 1.79 13.66
N PHE A 43 44.37 1.26 14.30
CA PHE A 43 43.31 2.06 14.92
C PHE A 43 43.26 1.63 16.38
N GLU A 44 43.61 2.53 17.30
CA GLU A 44 43.58 2.24 18.76
C GLU A 44 42.42 2.97 19.43
N ALA A 45 41.80 2.33 20.43
CA ALA A 45 40.82 2.97 21.35
C ALA A 45 41.08 2.41 22.73
N PRO A 46 40.59 3.03 23.81
CA PRO A 46 40.79 2.49 25.16
C PRO A 46 40.37 1.02 25.18
N GLY A 47 41.35 0.15 25.41
CA GLY A 47 41.22 -1.31 25.57
C GLY A 47 41.09 -2.09 24.28
N ARG A 48 41.36 -1.52 23.09
CA ARG A 48 41.27 -2.33 21.84
C ARG A 48 42.23 -1.82 20.77
N VAL A 49 42.67 -2.70 19.88
CA VAL A 49 43.40 -2.25 18.67
C VAL A 49 42.93 -3.11 17.50
N THR A 50 42.76 -2.48 16.35
CA THR A 50 42.51 -3.24 15.10
C THR A 50 43.34 -2.61 14.00
N ARG A 51 43.42 -3.31 12.87
CA ARG A 51 44.22 -2.84 11.72
C ARG A 51 43.30 -2.88 10.50
N TYR A 52 43.18 -1.75 9.79
CA TYR A 52 42.33 -1.57 8.60
C TYR A 52 43.17 -1.83 7.36
N LEU A 53 42.78 -2.82 6.54
CA LEU A 53 43.48 -3.24 5.32
C LEU A 53 42.71 -2.76 4.09
N SER A 54 43.43 -2.29 3.06
CA SER A 54 42.86 -1.65 1.85
C SER A 54 43.42 -2.21 0.55
N SER A 55 44.50 -3.00 0.58
CA SER A 55 45.22 -3.40 -0.65
C SER A 55 44.90 -4.84 -0.94
N GLN A 56 44.82 -5.21 -2.22
CA GLN A 56 44.71 -6.63 -2.59
C GLN A 56 45.94 -7.35 -2.04
N ARG A 57 47.13 -6.74 -2.07
CA ARG A 57 48.40 -7.38 -1.66
C ARG A 57 48.22 -7.94 -0.22
N LEU A 58 47.66 -7.16 0.69
CA LEU A 58 47.51 -7.62 2.08
C LEU A 58 46.21 -8.41 2.28
N ILE A 59 45.13 -8.06 1.61
CA ILE A 59 43.83 -8.73 1.86
C ILE A 59 43.92 -10.16 1.33
N LYS A 60 44.73 -10.38 0.30
CA LYS A 60 44.91 -11.77 -0.19
C LYS A 60 45.48 -12.66 0.92
N GLU A 61 46.38 -12.14 1.75
CA GLU A 61 46.90 -12.91 2.90
C GLU A 61 45.82 -13.03 3.99
N ALA A 62 45.12 -11.95 4.33
CA ALA A 62 44.04 -11.93 5.35
C ALA A 62 43.00 -13.00 5.00
N CYS A 63 42.84 -13.28 3.69
CA CYS A 63 41.84 -14.25 3.19
C CYS A 63 42.31 -15.70 3.24
N ASP A 64 43.55 -15.93 3.67
CA ASP A 64 44.13 -17.28 3.91
C ASP A 64 43.50 -17.86 5.18
N GLU A 65 42.57 -18.79 5.00
CA GLU A 65 41.81 -19.37 6.12
C GLU A 65 42.68 -20.22 7.04
N SER A 66 43.88 -20.60 6.63
CA SER A 66 44.80 -21.39 7.49
C SER A 66 45.44 -20.41 8.49
N ARG A 67 45.41 -19.11 8.20
CA ARG A 67 46.08 -18.07 9.03
C ARG A 67 45.08 -17.16 9.76
N PHE A 68 43.88 -16.98 9.21
CA PHE A 68 42.91 -15.99 9.73
C PHE A 68 41.53 -16.61 9.64
N ASP A 69 40.72 -16.34 10.65
CA ASP A 69 39.29 -16.77 10.70
C ASP A 69 38.44 -15.53 10.90
N LYS A 70 37.14 -15.66 10.67
CA LYS A 70 36.15 -14.61 10.93
C LYS A 70 36.19 -14.22 12.40
N ASN A 71 36.30 -12.93 12.67
CA ASN A 71 36.07 -12.35 14.00
C ASN A 71 34.65 -11.77 14.05
N LEU A 72 34.04 -11.76 15.22
CA LEU A 72 32.81 -10.98 15.46
C LEU A 72 33.28 -9.57 15.85
N SER A 73 33.16 -8.60 14.95
CA SER A 73 33.22 -7.14 15.24
C SER A 73 32.28 -6.82 16.41
N GLN A 74 32.53 -5.72 17.10
CA GLN A 74 31.54 -5.21 18.07
C GLN A 74 30.18 -5.04 17.39
N ALA A 75 30.14 -4.62 16.10
CA ALA A 75 28.87 -4.48 15.37
C ALA A 75 28.14 -5.82 15.38
N LEU A 76 28.83 -6.92 14.98
CA LEU A 76 28.24 -8.27 14.98
C LEU A 76 27.87 -8.70 16.40
N LYS A 77 28.69 -8.42 17.42
CA LYS A 77 28.33 -8.74 18.82
C LYS A 77 26.99 -8.09 19.23
N PHE A 78 26.73 -6.83 18.87
CA PHE A 78 25.49 -6.09 19.20
C PHE A 78 24.31 -6.71 18.42
N VAL A 79 24.51 -7.06 17.15
CA VAL A 79 23.45 -7.73 16.36
C VAL A 79 23.15 -9.15 16.91
N ARG A 80 24.14 -9.88 17.43
CA ARG A 80 23.93 -11.23 18.02
C ARG A 80 22.86 -11.19 19.12
N ASP A 81 22.66 -10.03 19.77
CA ASP A 81 21.62 -9.95 20.83
C ASP A 81 20.25 -10.35 20.25
N PHE A 82 20.04 -10.22 18.94
CA PHE A 82 18.77 -10.73 18.33
C PHE A 82 18.99 -11.69 17.15
N ALA A 83 20.19 -11.78 16.56
CA ALA A 83 20.45 -12.77 15.48
C ALA A 83 21.10 -14.03 16.09
N GLY A 84 21.39 -14.00 17.40
CA GLY A 84 21.87 -15.17 18.15
C GLY A 84 23.01 -15.89 17.44
N ASP A 85 22.90 -17.22 17.40
CA ASP A 85 23.96 -18.05 16.77
C ASP A 85 23.44 -18.57 15.45
N GLY A 86 22.72 -17.71 14.75
CA GLY A 86 22.56 -17.86 13.30
C GLY A 86 23.87 -17.74 12.56
N LEU A 87 23.84 -18.00 11.25
CA LEU A 87 25.08 -18.15 10.46
C LEU A 87 25.96 -16.89 10.50
N PHE A 88 25.35 -15.68 10.52
CA PHE A 88 26.03 -14.38 10.37
C PHE A 88 26.75 -13.99 11.65
N THR A 89 26.19 -14.32 12.81
CA THR A 89 26.67 -13.79 14.12
C THR A 89 27.29 -14.92 14.96
N SER A 90 27.57 -16.07 14.34
CA SER A 90 28.23 -17.22 15.02
C SER A 90 29.74 -17.22 14.74
N TRP A 91 30.53 -17.68 15.71
CA TRP A 91 31.97 -18.03 15.51
C TRP A 91 32.05 -19.33 14.74
N THR A 92 33.08 -19.48 13.93
CA THR A 92 33.34 -20.67 13.08
C THR A 92 33.39 -21.91 13.96
N HIS A 93 33.91 -21.78 15.17
CA HIS A 93 34.13 -22.91 16.10
C HIS A 93 32.84 -23.30 16.85
N GLU A 94 31.74 -22.55 16.73
CA GLU A 94 30.47 -22.86 17.43
C GLU A 94 29.78 -24.00 16.67
N LYS A 95 29.37 -25.03 17.40
CA LYS A 95 28.76 -26.23 16.75
C LYS A 95 27.62 -25.82 15.80
N ASN A 96 26.80 -24.83 16.17
CA ASN A 96 25.63 -24.41 15.37
C ASN A 96 26.05 -23.74 14.07
N TRP A 97 27.31 -23.27 13.94
CA TRP A 97 27.76 -22.65 12.67
C TRP A 97 27.87 -23.78 11.64
N LYS A 98 28.73 -24.79 11.91
CA LYS A 98 29.04 -25.81 10.86
C LYS A 98 27.74 -26.61 10.61
N LYS A 99 26.93 -26.88 11.61
CA LYS A 99 25.65 -27.60 11.44
C LYS A 99 24.73 -26.84 10.47
N ALA A 100 24.44 -25.57 10.76
CA ALA A 100 23.60 -24.73 9.87
C ALA A 100 24.25 -24.57 8.48
N HIS A 101 25.56 -24.40 8.39
CA HIS A 101 26.27 -24.23 7.10
C HIS A 101 26.04 -25.49 6.25
N ASN A 102 26.23 -26.67 6.84
CA ASN A 102 26.06 -27.93 6.08
C ASN A 102 24.59 -28.11 5.68
N ILE A 103 23.66 -27.78 6.54
CA ILE A 103 22.22 -27.98 6.25
C ILE A 103 21.80 -26.98 5.17
N LEU A 104 22.25 -25.72 5.25
CA LEU A 104 21.66 -24.64 4.42
C LEU A 104 22.34 -24.50 3.08
N LEU A 105 23.58 -24.94 2.92
CA LEU A 105 24.32 -24.67 1.66
C LEU A 105 23.52 -25.13 0.45
N PRO A 106 22.95 -26.35 0.42
CA PRO A 106 22.17 -26.78 -0.75
C PRO A 106 20.91 -25.94 -1.02
N SER A 107 20.37 -25.28 0.01
CA SER A 107 19.16 -24.43 -0.14
C SER A 107 19.53 -23.10 -0.80
N PHE A 108 20.82 -22.78 -0.89
CA PHE A 108 21.29 -21.46 -1.36
C PHE A 108 22.11 -21.57 -2.63
N SER A 109 22.23 -22.78 -3.23
CA SER A 109 23.08 -22.96 -4.42
C SER A 109 22.41 -22.30 -5.63
N GLN A 110 23.19 -22.05 -6.68
CA GLN A 110 22.70 -21.60 -8.00
C GLN A 110 21.56 -22.52 -8.45
N GLN A 111 21.70 -23.84 -8.32
CA GLN A 111 20.66 -24.81 -8.72
C GLN A 111 19.35 -24.55 -7.93
N ALA A 112 19.43 -24.30 -6.62
CA ALA A 112 18.24 -24.05 -5.77
C ALA A 112 17.45 -22.81 -6.24
N MET A 113 18.10 -21.88 -6.95
CA MET A 113 17.46 -20.63 -7.40
C MET A 113 16.31 -20.94 -8.37
N LYS A 114 16.35 -22.05 -9.12
CA LYS A 114 15.21 -22.45 -9.98
C LYS A 114 13.94 -22.57 -9.13
N GLY A 115 14.03 -23.09 -7.92
CA GLY A 115 12.88 -23.27 -7.03
C GLY A 115 12.31 -21.97 -6.47
N TYR A 116 13.13 -20.95 -6.22
CA TYR A 116 12.69 -19.65 -5.63
C TYR A 116 12.19 -18.70 -6.76
N HIS A 117 12.57 -18.97 -8.00
CA HIS A 117 12.40 -18.05 -9.16
C HIS A 117 10.95 -17.58 -9.23
N ALA A 118 9.99 -18.49 -9.16
CA ALA A 118 8.57 -18.10 -9.31
C ALA A 118 8.12 -17.11 -8.20
N MET A 119 8.54 -17.32 -6.97
N MET A 119 8.54 -17.27 -6.96
CA MET A 119 8.23 -16.43 -5.82
CA MET A 119 8.09 -16.32 -5.92
C MET A 119 8.93 -15.06 -6.00
C MET A 119 8.94 -15.03 -5.95
N MET A 120 10.17 -15.05 -6.50
CA MET A 120 10.89 -13.79 -6.78
C MET A 120 10.11 -13.05 -7.84
N VAL A 121 9.61 -13.73 -8.86
CA VAL A 121 8.84 -13.06 -9.95
C VAL A 121 7.59 -12.43 -9.34
N ASP A 122 6.97 -13.08 -8.37
CA ASP A 122 5.73 -12.58 -7.73
C ASP A 122 6.05 -11.17 -7.24
N ILE A 123 7.17 -11.01 -6.54
CA ILE A 123 7.45 -9.71 -5.89
C ILE A 123 7.92 -8.70 -6.95
N ALA A 124 8.77 -9.10 -7.89
CA ALA A 124 9.23 -8.24 -9.01
C ALA A 124 8.01 -7.71 -9.80
N VAL A 125 7.04 -8.56 -10.10
CA VAL A 125 5.80 -8.11 -10.82
C VAL A 125 5.04 -7.07 -9.98
N GLN A 126 5.02 -7.19 -8.66
CA GLN A 126 4.34 -6.17 -7.82
C GLN A 126 5.09 -4.83 -7.94
N LEU A 127 6.42 -4.86 -8.00
CA LEU A 127 7.23 -3.63 -8.16
C LEU A 127 6.94 -3.00 -9.54
N VAL A 128 6.97 -3.77 -10.61
CA VAL A 128 6.68 -3.26 -11.97
C VAL A 128 5.25 -2.66 -11.98
N GLN A 129 4.25 -3.34 -11.41
CA GLN A 129 2.84 -2.84 -11.47
C GLN A 129 2.76 -1.52 -10.69
N LYS A 130 3.34 -1.43 -9.50
CA LYS A 130 3.38 -0.17 -8.73
C LYS A 130 3.82 0.95 -9.68
N TRP A 131 4.96 0.76 -10.37
CA TRP A 131 5.54 1.83 -11.20
C TRP A 131 4.67 2.10 -12.42
N GLU A 132 4.12 1.06 -13.05
CA GLU A 132 3.18 1.22 -14.19
C GLU A 132 1.99 2.08 -13.76
N ARG A 133 1.67 2.07 -12.47
CA ARG A 133 0.41 2.67 -11.92
C ARG A 133 0.64 4.09 -11.41
N LEU A 134 1.88 4.61 -11.48
CA LEU A 134 2.15 6.00 -11.05
C LEU A 134 1.55 6.96 -12.07
N ASN A 135 1.07 8.11 -11.60
CA ASN A 135 0.57 9.17 -12.51
C ASN A 135 1.75 9.98 -13.08
N ALA A 136 1.48 10.73 -14.14
CA ALA A 136 2.49 11.44 -14.96
C ALA A 136 3.48 12.24 -14.09
N ASP A 137 3.02 13.02 -13.11
CA ASP A 137 3.92 13.97 -12.40
C ASP A 137 4.82 13.23 -11.39
N GLU A 138 4.50 11.97 -11.06
CA GLU A 138 4.94 11.32 -9.80
C GLU A 138 6.35 10.77 -10.01
N HIS A 139 7.02 10.53 -8.90
CA HIS A 139 8.40 10.00 -8.86
C HIS A 139 8.47 8.75 -7.99
N ILE A 140 9.61 8.10 -8.10
CA ILE A 140 9.96 6.86 -7.37
C ILE A 140 10.99 7.17 -6.30
N GLU A 141 10.73 6.72 -5.09
CA GLU A 141 11.69 6.75 -3.97
C GLU A 141 12.46 5.43 -4.08
N VAL A 142 13.66 5.47 -4.62
CA VAL A 142 14.35 4.26 -5.13
C VAL A 142 14.70 3.32 -3.97
N PRO A 143 15.52 3.70 -2.96
CA PRO A 143 15.83 2.76 -1.87
C PRO A 143 14.58 2.24 -1.17
N GLU A 144 13.56 3.09 -1.03
CA GLU A 144 12.27 2.74 -0.38
C GLU A 144 11.65 1.60 -1.16
N ASP A 145 11.52 1.70 -2.48
CA ASP A 145 10.83 0.64 -3.24
C ASP A 145 11.73 -0.60 -3.36
N MET A 146 13.04 -0.44 -3.48
CA MET A 146 13.93 -1.62 -3.58
C MET A 146 13.89 -2.42 -2.27
N THR A 147 13.74 -1.74 -1.14
CA THR A 147 13.67 -2.41 0.16
C THR A 147 12.32 -3.15 0.28
N ARG A 148 11.23 -2.54 -0.17
CA ARG A 148 9.90 -3.18 -0.26
C ARG A 148 10.09 -4.51 -0.99
N LEU A 149 10.79 -4.49 -2.11
CA LEU A 149 10.93 -5.72 -2.91
C LEU A 149 11.82 -6.72 -2.17
N THR A 150 13.02 -6.33 -1.74
CA THR A 150 14.02 -7.33 -1.25
C THR A 150 13.50 -7.94 0.05
N LEU A 151 12.95 -7.15 0.95
CA LEU A 151 12.32 -7.68 2.17
C LEU A 151 11.22 -8.67 1.79
N ASP A 152 10.36 -8.36 0.83
CA ASP A 152 9.19 -9.22 0.59
C ASP A 152 9.67 -10.51 -0.08
N THR A 153 10.72 -10.44 -0.87
CA THR A 153 11.25 -11.60 -1.63
C THR A 153 11.78 -12.61 -0.62
N ILE A 154 12.55 -12.17 0.35
CA ILE A 154 13.15 -13.13 1.34
C ILE A 154 12.03 -13.62 2.28
N GLY A 155 11.07 -12.78 2.65
CA GLY A 155 9.91 -13.24 3.42
C GLY A 155 9.21 -14.40 2.73
N LEU A 156 8.95 -14.28 1.44
CA LEU A 156 8.11 -15.24 0.70
C LEU A 156 8.93 -16.51 0.40
N CYS A 157 10.18 -16.36 -0.06
CA CYS A 157 11.13 -17.48 -0.31
C CYS A 157 11.64 -18.06 1.00
N GLY A 158 11.73 -17.28 2.05
CA GLY A 158 12.26 -17.73 3.35
C GLY A 158 11.25 -18.64 4.02
N PHE A 159 10.04 -18.14 4.25
CA PHE A 159 9.10 -18.90 5.11
C PHE A 159 7.64 -18.67 4.66
N ASN A 160 7.43 -18.41 3.38
CA ASN A 160 6.08 -18.34 2.75
C ASN A 160 5.25 -17.29 3.48
N TYR A 161 5.89 -16.21 3.91
CA TYR A 161 5.24 -15.13 4.69
C TYR A 161 5.23 -13.86 3.83
N ARG A 162 4.07 -13.24 3.66
CA ARG A 162 3.92 -11.99 2.87
C ARG A 162 3.94 -10.77 3.83
N PHE A 163 5.01 -9.98 3.82
CA PHE A 163 5.06 -8.68 4.53
C PHE A 163 4.10 -7.69 3.84
N ASN A 164 3.79 -7.92 2.57
CA ASN A 164 2.86 -7.05 1.79
C ASN A 164 3.32 -5.58 1.86
N SER A 165 4.63 -5.36 1.70
CA SER A 165 5.28 -4.03 1.75
C SER A 165 4.69 -3.06 0.69
N PHE A 166 4.28 -3.53 -0.47
CA PHE A 166 3.73 -2.67 -1.54
C PHE A 166 2.29 -2.26 -1.22
N TYR A 167 1.70 -2.69 -0.09
CA TYR A 167 0.34 -2.35 0.38
C TYR A 167 0.41 -1.32 1.51
N ARG A 168 1.61 -0.81 1.80
CA ARG A 168 1.89 -0.05 3.04
C ARG A 168 2.76 1.16 2.77
N ASP A 169 2.55 2.18 3.60
CA ASP A 169 3.48 3.32 3.88
C ASP A 169 4.36 2.98 5.09
N GLN A 170 3.75 2.67 6.24
CA GLN A 170 4.44 2.23 7.48
C GLN A 170 4.90 0.79 7.30
N PRO A 171 6.18 0.46 7.60
CA PRO A 171 6.62 -0.93 7.51
C PRO A 171 5.66 -1.80 8.36
N HIS A 172 5.55 -3.07 8.00
CA HIS A 172 5.03 -4.14 8.88
C HIS A 172 5.62 -3.98 10.30
N PRO A 173 4.83 -4.24 11.37
CA PRO A 173 5.29 -4.19 12.76
C PRO A 173 6.66 -4.83 13.07
N PHE A 174 6.86 -6.04 12.54
CA PHE A 174 8.12 -6.81 12.67
C PHE A 174 9.30 -5.97 12.16
N ILE A 175 9.10 -5.34 11.01
CA ILE A 175 10.16 -4.53 10.33
C ILE A 175 10.48 -3.31 11.19
N THR A 176 9.48 -2.65 11.77
N THR A 176 9.46 -2.64 11.74
CA THR A 176 9.76 -1.43 12.57
CA THR A 176 9.68 -1.45 12.60
C THR A 176 10.62 -1.86 13.76
C THR A 176 10.61 -1.87 13.75
N SER A 177 10.30 -3.00 14.39
CA SER A 177 11.08 -3.54 15.53
C SER A 177 12.49 -3.95 15.06
N MET A 178 12.61 -4.57 13.89
CA MET A 178 13.92 -5.08 13.40
C MET A 178 14.83 -3.89 13.09
N VAL A 179 14.28 -2.87 12.41
CA VAL A 179 15.03 -1.65 12.03
C VAL A 179 15.46 -0.89 13.29
N ARG A 180 14.59 -0.78 14.28
CA ARG A 180 14.92 -0.04 15.53
C ARG A 180 15.92 -0.85 16.35
N ALA A 181 15.85 -2.18 16.35
CA ALA A 181 16.86 -3.05 17.01
C ALA A 181 18.21 -2.85 16.32
N LEU A 182 18.25 -2.87 14.98
CA LEU A 182 19.49 -2.67 14.16
C LEU A 182 20.11 -1.28 14.39
N ASP A 183 19.28 -0.22 14.42
N ASP A 183 19.27 -0.24 14.40
CA ASP A 183 19.78 1.14 14.69
CA ASP A 183 19.67 1.15 14.72
C ASP A 183 20.30 1.21 16.14
C ASP A 183 20.28 1.19 16.12
N GLU A 184 19.60 0.61 17.10
CA GLU A 184 20.09 0.54 18.52
C GLU A 184 21.46 -0.17 18.53
N ALA A 185 21.58 -1.32 17.85
CA ALA A 185 22.85 -2.07 17.86
C ALA A 185 23.95 -1.17 17.28
N MET A 186 23.65 -0.45 16.19
CA MET A 186 24.64 0.42 15.49
C MET A 186 25.02 1.64 16.38
N ASN A 187 24.04 2.27 17.02
CA ASN A 187 24.24 3.43 17.93
C ASN A 187 25.15 3.05 19.09
N LYS A 188 25.04 1.82 19.63
CA LYS A 188 25.84 1.37 20.83
C LYS A 188 27.32 1.40 20.48
N LEU A 189 27.70 1.38 19.18
CA LEU A 189 29.13 1.43 18.77
C LEU A 189 29.72 2.75 19.26
N GLN A 190 28.92 3.81 19.29
CA GLN A 190 29.41 5.19 19.58
C GLN A 190 28.95 5.66 20.95
N ARG A 191 28.43 4.79 21.81
CA ARG A 191 27.79 5.22 23.07
C ARG A 191 28.74 4.94 24.23
N ALA A 192 29.35 5.99 24.78
CA ALA A 192 30.14 5.93 26.04
C ALA A 192 29.16 5.75 27.22
N ASN A 193 29.55 4.96 28.22
CA ASN A 193 28.79 4.77 29.48
C ASN A 193 27.37 4.29 29.16
N PRO A 194 27.24 3.17 28.41
CA PRO A 194 25.93 2.62 28.05
C PRO A 194 25.03 2.14 29.21
N ASP A 195 25.61 1.94 30.41
CA ASP A 195 24.88 1.43 31.60
C ASP A 195 24.41 2.61 32.46
N ASP A 196 24.84 3.83 32.12
CA ASP A 196 24.26 5.12 32.60
C ASP A 196 22.74 4.97 32.55
N PRO A 197 22.00 5.26 33.65
CA PRO A 197 20.54 5.13 33.66
C PRO A 197 19.80 5.97 32.60
N ALA A 198 20.47 6.88 31.91
CA ALA A 198 19.89 7.73 30.83
C ALA A 198 19.51 6.83 29.64
N TYR A 199 20.12 5.64 29.59
CA TYR A 199 19.97 4.65 28.48
C TYR A 199 18.99 3.56 28.91
N ASP A 200 18.35 3.74 30.07
CA ASP A 200 17.29 2.82 30.58
C ASP A 200 16.20 2.62 29.50
N GLU A 201 15.76 3.68 28.84
CA GLU A 201 14.58 3.64 27.92
C GLU A 201 14.97 2.89 26.62
N ASN A 202 16.21 3.09 26.16
CA ASN A 202 16.77 2.37 25.00
C ASN A 202 16.67 0.87 25.24
N LYS A 203 17.09 0.42 26.43
CA LYS A 203 17.22 -1.01 26.79
C LYS A 203 15.82 -1.62 26.83
N ARG A 204 14.85 -0.91 27.41
CA ARG A 204 13.47 -1.44 27.52
C ARG A 204 12.89 -1.57 26.10
N GLN A 205 13.11 -0.57 25.24
CA GLN A 205 12.66 -0.58 23.81
C GLN A 205 13.38 -1.69 23.04
N PHE A 206 14.68 -1.86 23.25
CA PHE A 206 15.47 -2.94 22.60
C PHE A 206 14.84 -4.31 22.92
N GLN A 207 14.57 -4.60 24.21
CA GLN A 207 13.93 -5.87 24.65
C GLN A 207 12.56 -6.03 23.99
N GLU A 208 11.75 -4.98 23.96
CA GLU A 208 10.40 -5.04 23.33
C GLU A 208 10.53 -5.46 21.86
N ASP A 209 11.51 -4.90 21.14
CA ASP A 209 11.69 -5.14 19.67
C ASP A 209 12.17 -6.58 19.43
N ILE A 210 13.06 -7.08 20.28
CA ILE A 210 13.57 -8.47 20.24
C ILE A 210 12.38 -9.41 20.45
N LYS A 211 11.48 -9.04 21.36
CA LYS A 211 10.30 -9.86 21.69
C LYS A 211 9.37 -9.90 20.49
N VAL A 212 9.07 -8.76 19.88
CA VAL A 212 8.23 -8.66 18.65
C VAL A 212 8.76 -9.64 17.58
N MET A 213 10.07 -9.59 17.31
CA MET A 213 10.73 -10.43 16.27
C MET A 213 10.62 -11.91 16.65
N ASN A 214 11.00 -12.29 17.87
CA ASN A 214 11.01 -13.70 18.33
C ASN A 214 9.58 -14.24 18.25
N ASP A 215 8.63 -13.44 18.71
CA ASP A 215 7.21 -13.85 18.80
C ASP A 215 6.70 -14.22 17.42
N LEU A 216 6.89 -13.34 16.42
CA LEU A 216 6.34 -13.60 15.06
C LEU A 216 7.07 -14.81 14.44
N VAL A 217 8.40 -14.83 14.51
CA VAL A 217 9.18 -15.94 13.88
C VAL A 217 8.87 -17.28 14.60
N ASP A 218 8.93 -17.34 15.93
CA ASP A 218 8.60 -18.59 16.68
C ASP A 218 7.20 -19.10 16.29
N LYS A 219 6.23 -18.18 16.12
CA LYS A 219 4.86 -18.50 15.67
C LYS A 219 4.88 -19.05 14.25
N ILE A 220 5.61 -18.43 13.33
CA ILE A 220 5.60 -19.00 11.94
C ILE A 220 6.18 -20.42 12.00
N ILE A 221 7.27 -20.64 12.76
CA ILE A 221 7.85 -22.00 12.89
C ILE A 221 6.79 -22.95 13.50
N ALA A 222 6.23 -22.61 14.66
CA ALA A 222 5.23 -23.48 15.34
C ALA A 222 4.07 -23.79 14.37
N ASP A 223 3.56 -22.78 13.65
CA ASP A 223 2.43 -22.98 12.72
C ASP A 223 2.81 -23.98 11.63
N ARG A 224 4.04 -23.88 11.11
CA ARG A 224 4.45 -24.75 9.97
C ARG A 224 4.54 -26.19 10.48
N LYS A 225 5.18 -26.39 11.64
CA LYS A 225 5.32 -27.72 12.28
C LYS A 225 3.90 -28.24 12.62
N ALA A 226 3.00 -27.38 13.09
CA ALA A 226 1.61 -27.74 13.47
C ALA A 226 0.78 -28.14 12.24
N SER A 227 1.14 -27.68 11.03
CA SER A 227 0.40 -27.98 9.78
C SER A 227 0.98 -29.20 9.06
N GLY A 228 2.29 -29.43 9.14
CA GLY A 228 2.99 -30.44 8.32
C GLY A 228 3.14 -30.03 6.85
N GLU A 229 2.77 -28.81 6.48
CA GLU A 229 2.86 -28.35 5.06
C GLU A 229 4.33 -28.39 4.62
N GLN A 230 4.58 -28.96 3.45
CA GLN A 230 5.84 -28.90 2.68
C GLN A 230 5.71 -27.76 1.66
N SER A 231 6.67 -26.84 1.63
CA SER A 231 6.69 -25.67 0.72
C SER A 231 8.06 -25.56 0.04
N ASP A 232 8.20 -24.56 -0.86
CA ASP A 232 9.42 -24.26 -1.67
C ASP A 232 10.33 -23.30 -0.91
N ASP A 233 10.33 -23.35 0.42
CA ASP A 233 10.96 -22.28 1.22
C ASP A 233 12.02 -22.84 2.17
N LEU A 234 12.89 -21.96 2.65
CA LEU A 234 14.02 -22.29 3.54
C LEU A 234 13.50 -22.92 4.83
N LEU A 235 12.32 -22.50 5.31
CA LEU A 235 11.84 -23.01 6.61
C LEU A 235 11.54 -24.53 6.47
N THR A 236 11.01 -24.98 5.35
CA THR A 236 10.83 -26.44 5.09
C THR A 236 12.20 -27.12 5.15
N HIS A 237 13.19 -26.58 4.45
CA HIS A 237 14.54 -27.20 4.31
C HIS A 237 15.13 -27.29 5.71
N MET A 238 14.89 -26.30 6.58
CA MET A 238 15.46 -26.32 7.96
C MET A 238 14.70 -27.26 8.89
N LEU A 239 13.38 -27.41 8.76
CA LEU A 239 12.62 -28.34 9.65
C LEU A 239 12.93 -29.79 9.27
N ASN A 240 13.26 -30.06 8.00
CA ASN A 240 13.45 -31.42 7.45
C ASN A 240 14.93 -31.85 7.43
N GLY A 241 15.85 -30.88 7.39
CA GLY A 241 17.27 -31.13 7.07
C GLY A 241 18.03 -31.75 8.23
N LYS A 242 19.05 -32.57 7.95
CA LYS A 242 19.98 -33.12 8.96
C LYS A 242 21.40 -32.83 8.49
N ASP A 243 22.21 -32.34 9.39
CA ASP A 243 23.65 -32.11 9.15
C ASP A 243 24.31 -33.46 8.93
N PRO A 244 24.89 -33.74 7.75
CA PRO A 244 25.55 -35.03 7.51
C PRO A 244 26.68 -35.37 8.49
N GLU A 245 27.38 -34.38 9.04
N GLU A 245 27.36 -34.37 9.06
CA GLU A 245 28.49 -34.58 10.02
CA GLU A 245 28.49 -34.59 10.00
C GLU A 245 27.95 -35.11 11.36
C GLU A 245 27.99 -35.08 11.37
N THR A 246 27.17 -34.30 12.06
CA THR A 246 26.64 -34.62 13.42
C THR A 246 25.43 -35.56 13.28
N GLY A 247 24.75 -35.57 12.14
CA GLY A 247 23.45 -36.23 11.95
C GLY A 247 22.31 -35.48 12.61
N GLU A 248 22.54 -34.27 13.14
CA GLU A 248 21.48 -33.55 13.89
C GLU A 248 20.80 -32.53 12.96
N PRO A 249 19.52 -32.25 13.25
CA PRO A 249 18.83 -31.10 12.70
C PRO A 249 19.12 -29.84 13.54
N LEU A 250 18.79 -28.67 13.04
CA LEU A 250 18.77 -27.42 13.83
C LEU A 250 17.60 -27.49 14.81
N ASP A 251 17.73 -26.93 16.00
CA ASP A 251 16.56 -26.86 16.89
C ASP A 251 15.80 -25.56 16.54
N ASP A 252 14.59 -25.41 17.09
CA ASP A 252 13.62 -24.37 16.67
C ASP A 252 14.17 -22.99 17.03
N GLU A 253 14.94 -22.90 18.11
CA GLU A 253 15.57 -21.64 18.53
C GLU A 253 16.54 -21.19 17.42
N ASN A 254 17.44 -22.08 17.00
CA ASN A 254 18.44 -21.74 15.97
C ASN A 254 17.73 -21.43 14.66
N ILE A 255 16.63 -22.14 14.33
CA ILE A 255 15.90 -21.85 13.05
C ILE A 255 15.38 -20.41 13.15
N ARG A 256 14.88 -20.00 14.32
CA ARG A 256 14.37 -18.63 14.50
C ARG A 256 15.51 -17.66 14.20
N TYR A 257 16.70 -17.91 14.73
CA TYR A 257 17.88 -17.03 14.49
C TYR A 257 18.23 -17.02 13.01
N GLN A 258 18.14 -18.14 12.30
CA GLN A 258 18.46 -18.12 10.87
C GLN A 258 17.46 -17.24 10.13
N ILE A 259 16.18 -17.40 10.44
CA ILE A 259 15.14 -16.57 9.77
C ILE A 259 15.39 -15.07 10.05
N ILE A 260 15.60 -14.69 11.29
CA ILE A 260 15.86 -13.28 11.64
C ILE A 260 17.08 -12.79 10.84
N THR A 261 18.11 -13.62 10.75
CA THR A 261 19.34 -13.29 10.02
C THR A 261 19.01 -13.04 8.55
N PHE A 262 18.25 -13.94 7.92
CA PHE A 262 18.01 -13.78 6.46
C PHE A 262 17.19 -12.53 6.22
N LEU A 263 16.30 -12.21 7.14
CA LEU A 263 15.42 -11.01 7.01
C LEU A 263 16.26 -9.75 7.15
N ILE A 264 17.25 -9.74 8.04
CA ILE A 264 18.23 -8.61 8.14
C ILE A 264 18.88 -8.43 6.76
N ALA A 265 19.40 -9.52 6.20
N ALA A 265 19.49 -9.50 6.25
CA ALA A 265 20.12 -9.50 4.90
CA ALA A 265 20.39 -9.44 5.07
C ALA A 265 19.16 -9.09 3.78
C ALA A 265 19.63 -8.94 3.84
N GLY A 266 18.00 -9.75 3.65
N GLY A 266 18.34 -9.29 3.74
CA GLY A 266 17.11 -9.54 2.49
CA GLY A 266 17.54 -9.08 2.52
C GLY A 266 16.57 -8.12 2.48
C GLY A 266 16.87 -7.73 2.53
N HIS A 267 16.61 -7.44 3.63
N HIS A 267 16.82 -7.06 3.69
CA HIS A 267 16.45 -5.98 3.83
CA HIS A 267 16.34 -5.67 3.82
C HIS A 267 17.82 -5.35 3.52
C HIS A 267 17.30 -4.80 2.96
N GLU A 268 18.21 -4.32 4.25
N GLU A 268 17.77 -3.68 3.50
CA GLU A 268 19.61 -3.84 4.35
CA GLU A 268 18.57 -2.67 2.77
C GLU A 268 20.36 -3.93 3.02
C GLU A 268 19.97 -3.18 2.36
N THR A 269 21.17 -4.98 2.80
N THR A 269 20.52 -4.20 2.99
CA THR A 269 22.27 -5.02 1.79
CA THR A 269 21.82 -4.76 2.54
C THR A 269 21.69 -5.24 0.38
C THR A 269 21.69 -5.17 1.07
N THR A 270 20.70 -6.11 0.23
N THR A 270 20.61 -5.84 0.66
CA THR A 270 20.25 -6.48 -1.11
CA THR A 270 20.41 -6.31 -0.74
C THR A 270 19.64 -5.23 -1.77
C THR A 270 19.74 -5.22 -1.61
N SER A 271 18.79 -4.48 -1.06
CA SER A 271 18.11 -3.36 -1.76
C SER A 271 19.11 -2.25 -2.08
N GLY A 272 20.14 -2.10 -1.28
CA GLY A 272 21.29 -1.21 -1.53
C GLY A 272 21.96 -1.50 -2.86
N LEU A 273 22.23 -2.75 -3.17
CA LEU A 273 22.82 -3.12 -4.48
C LEU A 273 21.90 -2.59 -5.61
N LEU A 274 20.60 -2.86 -5.56
CA LEU A 274 19.68 -2.37 -6.63
C LEU A 274 19.67 -0.82 -6.68
N SER A 275 19.66 -0.17 -5.53
CA SER A 275 19.63 1.31 -5.46
C SER A 275 20.91 1.92 -6.05
N PHE A 276 22.09 1.39 -5.70
CA PHE A 276 23.36 1.86 -6.30
C PHE A 276 23.38 1.55 -7.78
N ALA A 277 22.93 0.37 -8.19
CA ALA A 277 22.96 -0.02 -9.61
C ALA A 277 22.14 1.01 -10.41
N LEU A 278 20.91 1.33 -9.95
CA LEU A 278 20.03 2.25 -10.70
C LEU A 278 20.66 3.64 -10.68
N TYR A 279 21.25 4.05 -9.56
CA TYR A 279 22.01 5.32 -9.46
C TYR A 279 23.10 5.41 -10.55
N PHE A 280 24.00 4.41 -10.60
CA PHE A 280 25.06 4.39 -11.61
C PHE A 280 24.51 4.36 -13.05
N LEU A 281 23.43 3.63 -13.27
CA LEU A 281 22.81 3.56 -14.62
C LEU A 281 22.24 4.92 -15.03
N VAL A 282 21.59 5.65 -14.13
CA VAL A 282 20.99 6.94 -14.58
C VAL A 282 22.13 7.96 -14.71
N LYS A 283 23.27 7.78 -14.05
CA LYS A 283 24.41 8.71 -14.15
C LYS A 283 25.28 8.36 -15.37
N ASN A 284 25.03 7.24 -16.04
CA ASN A 284 25.85 6.73 -17.16
C ASN A 284 24.87 6.25 -18.22
N PRO A 285 24.21 7.17 -18.94
CA PRO A 285 23.17 6.82 -19.92
C PRO A 285 23.57 5.81 -21.00
N HIS A 286 24.84 5.84 -21.41
CA HIS A 286 25.40 4.88 -22.41
C HIS A 286 25.37 3.46 -21.85
N VAL A 287 25.69 3.32 -20.56
CA VAL A 287 25.68 2.00 -19.86
C VAL A 287 24.21 1.57 -19.72
N LEU A 288 23.35 2.48 -19.27
N LEU A 288 23.35 2.48 -19.27
CA LEU A 288 21.89 2.21 -19.15
CA LEU A 288 21.89 2.21 -19.15
C LEU A 288 21.34 1.72 -20.49
C LEU A 288 21.35 1.71 -20.49
N GLN A 289 21.69 2.38 -21.60
CA GLN A 289 21.21 2.01 -22.96
C GLN A 289 21.65 0.57 -23.28
N LYS A 290 22.91 0.23 -23.04
CA LYS A 290 23.43 -1.13 -23.32
C LYS A 290 22.70 -2.17 -22.48
N ALA A 291 22.46 -1.88 -21.18
CA ALA A 291 21.78 -2.85 -20.30
C ALA A 291 20.31 -2.98 -20.76
N ALA A 292 19.66 -1.87 -21.15
CA ALA A 292 18.24 -1.87 -21.60
C ALA A 292 18.12 -2.69 -22.90
N GLU A 293 19.12 -2.59 -23.75
CA GLU A 293 19.19 -3.33 -25.02
C GLU A 293 19.26 -4.84 -24.74
N GLU A 294 20.04 -5.23 -23.74
CA GLU A 294 20.16 -6.65 -23.38
C GLU A 294 18.82 -7.12 -22.81
N ALA A 295 18.17 -6.34 -21.94
CA ALA A 295 16.91 -6.74 -21.29
C ALA A 295 15.82 -6.95 -22.37
N ALA A 296 15.69 -6.01 -23.32
CA ALA A 296 14.69 -6.12 -24.42
C ALA A 296 15.00 -7.35 -25.27
N ARG A 297 16.28 -7.58 -25.56
CA ARG A 297 16.70 -8.71 -26.42
C ARG A 297 16.37 -10.04 -25.72
N VAL A 298 16.65 -10.17 -24.41
CA VAL A 298 16.59 -11.48 -23.69
C VAL A 298 15.19 -11.75 -23.14
N LEU A 299 14.55 -10.75 -22.54
CA LEU A 299 13.28 -10.95 -21.81
C LEU A 299 12.11 -10.84 -22.80
N VAL A 300 11.96 -11.88 -23.62
CA VAL A 300 11.00 -11.90 -24.75
C VAL A 300 9.63 -12.37 -24.27
N ASP A 301 9.48 -12.78 -23.00
CA ASP A 301 8.23 -13.34 -22.46
C ASP A 301 7.64 -12.39 -21.45
N PRO A 302 6.32 -12.44 -21.24
CA PRO A 302 5.63 -11.56 -20.29
C PRO A 302 6.25 -11.56 -18.89
N VAL A 303 6.70 -12.75 -18.49
CA VAL A 303 7.25 -13.07 -17.15
C VAL A 303 8.61 -13.73 -17.41
N PRO A 304 9.74 -13.24 -16.86
CA PRO A 304 11.04 -13.84 -17.14
C PRO A 304 11.21 -15.27 -16.57
N SER A 305 11.91 -16.12 -17.32
CA SER A 305 12.28 -17.50 -16.93
C SER A 305 13.63 -17.48 -16.19
N TYR A 306 13.87 -18.48 -15.34
CA TYR A 306 15.18 -18.72 -14.69
C TYR A 306 16.29 -18.61 -15.74
N LYS A 307 16.15 -19.30 -16.87
CA LYS A 307 17.19 -19.33 -17.93
C LYS A 307 17.48 -17.93 -18.49
N GLN A 308 16.43 -17.16 -18.71
CA GLN A 308 16.50 -15.79 -19.27
C GLN A 308 17.28 -14.90 -18.29
N VAL A 309 17.03 -15.01 -16.99
CA VAL A 309 17.81 -14.23 -15.98
C VAL A 309 19.29 -14.61 -16.10
N LYS A 310 19.63 -15.90 -16.25
CA LYS A 310 21.05 -16.30 -16.43
C LYS A 310 21.68 -15.68 -17.68
N GLN A 311 20.89 -15.34 -18.70
N GLN A 311 20.87 -15.37 -18.70
CA GLN A 311 21.44 -14.78 -19.97
CA GLN A 311 21.33 -14.80 -20.00
C GLN A 311 21.42 -13.25 -19.96
C GLN A 311 21.67 -13.31 -19.85
N LEU A 312 21.15 -12.64 -18.81
CA LEU A 312 21.35 -11.19 -18.64
C LEU A 312 22.79 -10.93 -18.18
N LYS A 313 23.76 -11.26 -19.03
CA LYS A 313 25.21 -11.17 -18.66
C LYS A 313 25.58 -9.71 -18.35
N TYR A 314 25.21 -8.74 -19.19
CA TYR A 314 25.62 -7.33 -18.98
C TYR A 314 24.94 -6.76 -17.73
N VAL A 315 23.67 -7.11 -17.49
CA VAL A 315 23.01 -6.79 -16.19
C VAL A 315 23.81 -7.33 -14.98
N GLY A 316 24.31 -8.55 -15.06
CA GLY A 316 25.16 -9.11 -14.00
C GLY A 316 26.47 -8.33 -13.87
N MET A 317 27.01 -7.82 -14.97
CA MET A 317 28.27 -7.01 -14.93
C MET A 317 27.95 -5.65 -14.28
N VAL A 318 26.79 -5.07 -14.60
CA VAL A 318 26.32 -3.81 -13.96
C VAL A 318 26.27 -4.00 -12.44
N LEU A 319 25.70 -5.11 -11.97
CA LEU A 319 25.57 -5.39 -10.52
C LEU A 319 26.96 -5.58 -9.88
N ASN A 320 27.85 -6.32 -10.51
CA ASN A 320 29.25 -6.46 -10.03
C ASN A 320 29.97 -5.11 -9.97
N GLU A 321 29.77 -4.20 -10.93
CA GLU A 321 30.41 -2.87 -10.91
C GLU A 321 29.80 -2.01 -9.80
N ALA A 322 28.50 -2.14 -9.51
CA ALA A 322 27.90 -1.43 -8.36
C ALA A 322 28.48 -2.01 -7.07
N LEU A 323 28.67 -3.34 -7.00
CA LEU A 323 29.27 -4.00 -5.80
C LEU A 323 30.71 -3.55 -5.68
N ARG A 324 31.38 -3.28 -6.79
CA ARG A 324 32.78 -2.85 -6.71
C ARG A 324 32.82 -1.50 -5.98
N LEU A 325 32.10 -0.51 -6.48
CA LEU A 325 32.22 0.89 -6.02
C LEU A 325 31.56 1.08 -4.66
N TRP A 326 30.45 0.42 -4.35
CA TRP A 326 29.70 0.65 -3.09
C TRP A 326 29.13 -0.68 -2.60
N PRO A 327 30.03 -1.56 -2.16
CA PRO A 327 29.59 -2.83 -1.58
C PRO A 327 28.76 -2.51 -0.33
N THR A 328 27.54 -3.04 -0.23
CA THR A 328 26.56 -2.61 0.78
C THR A 328 26.81 -3.30 2.12
N ALA A 329 27.73 -4.27 2.19
CA ALA A 329 28.20 -4.80 3.49
C ALA A 329 29.69 -4.51 3.56
N PRO A 330 30.08 -3.25 3.84
CA PRO A 330 31.37 -2.71 3.38
C PRO A 330 32.64 -3.14 4.14
N ALA A 331 32.50 -3.88 5.24
CA ALA A 331 33.68 -4.36 5.98
C ALA A 331 33.38 -5.70 6.66
N PHE A 332 34.44 -6.43 6.96
CA PHE A 332 34.37 -7.67 7.78
C PHE A 332 35.69 -7.79 8.54
N SER A 333 35.61 -8.50 9.65
CA SER A 333 36.66 -8.57 10.67
C SER A 333 37.26 -9.97 10.69
N LEU A 334 38.56 -10.04 10.94
CA LEU A 334 39.32 -11.31 11.03
C LEU A 334 40.24 -11.31 12.24
N TYR A 335 40.62 -12.50 12.70
CA TYR A 335 41.61 -12.64 13.78
C TYR A 335 42.62 -13.68 13.32
N ALA A 336 43.85 -13.43 13.72
CA ALA A 336 45.01 -14.29 13.42
C ALA A 336 44.91 -15.57 14.25
N LYS A 337 44.97 -16.74 13.59
CA LYS A 337 44.83 -18.04 14.29
C LYS A 337 46.11 -18.36 15.05
N GLU A 338 47.23 -17.85 14.55
CA GLU A 338 48.58 -18.08 15.09
C GLU A 338 49.39 -16.81 14.85
N ASP A 339 50.52 -16.68 15.54
CA ASP A 339 51.56 -15.68 15.23
C ASP A 339 51.89 -15.78 13.74
N THR A 340 51.96 -14.66 13.04
CA THR A 340 52.21 -14.67 11.60
C THR A 340 52.71 -13.30 11.17
N VAL A 341 53.26 -13.23 9.96
CA VAL A 341 53.79 -11.96 9.40
C VAL A 341 52.95 -11.68 8.16
N LEU A 342 52.29 -10.52 8.18
CA LEU A 342 51.43 -10.05 7.08
C LEU A 342 52.31 -9.29 6.10
N GLY A 343 52.37 -9.75 4.86
CA GLY A 343 52.98 -9.05 3.72
C GLY A 343 54.48 -8.92 3.87
N GLY A 344 55.10 -9.77 4.67
CA GLY A 344 56.55 -9.80 4.89
C GLY A 344 56.98 -8.66 5.77
N GLU A 345 56.04 -7.87 6.32
CA GLU A 345 56.38 -6.55 6.89
C GLU A 345 55.74 -6.32 8.27
N TYR A 346 54.58 -6.92 8.55
CA TYR A 346 53.76 -6.59 9.74
C TYR A 346 53.56 -7.84 10.59
N PRO A 347 54.41 -8.02 11.63
CA PRO A 347 54.24 -9.14 12.55
C PRO A 347 52.93 -9.02 13.32
N LEU A 348 52.16 -10.10 13.37
CA LEU A 348 50.90 -10.19 14.17
C LEU A 348 51.06 -11.31 15.19
N GLU A 349 50.45 -11.14 16.35
CA GLU A 349 50.33 -12.23 17.32
C GLU A 349 48.96 -12.89 17.19
N LYS A 350 48.88 -14.14 17.57
CA LYS A 350 47.64 -14.93 17.67
C LYS A 350 46.58 -14.07 18.34
N GLY A 351 45.41 -13.95 17.72
CA GLY A 351 44.26 -13.18 18.26
C GLY A 351 44.15 -11.79 17.69
N ASP A 352 45.22 -11.27 17.09
CA ASP A 352 45.28 -9.88 16.58
C ASP A 352 44.20 -9.69 15.50
N GLU A 353 43.51 -8.57 15.53
CA GLU A 353 42.35 -8.36 14.62
C GLU A 353 42.77 -7.56 13.37
N LEU A 354 42.20 -7.91 12.22
CA LEU A 354 42.20 -7.15 10.94
C LEU A 354 40.76 -6.76 10.58
N MET A 355 40.58 -5.58 10.00
N MET A 355 40.58 -5.61 9.95
CA MET A 355 39.32 -5.15 9.34
CA MET A 355 39.28 -5.20 9.35
C MET A 355 39.64 -5.05 7.85
C MET A 355 39.52 -4.94 7.87
N VAL A 356 38.81 -5.67 7.01
CA VAL A 356 38.90 -5.50 5.54
C VAL A 356 37.95 -4.38 5.15
N LEU A 357 38.53 -3.33 4.57
CA LEU A 357 37.78 -2.15 4.12
C LEU A 357 37.45 -2.35 2.62
N ILE A 358 36.30 -2.96 2.34
CA ILE A 358 36.01 -3.53 1.00
C ILE A 358 35.97 -2.42 -0.05
N PRO A 359 35.31 -1.25 0.19
CA PRO A 359 35.22 -0.22 -0.84
C PRO A 359 36.63 0.24 -1.22
N GLN A 360 37.54 0.22 -0.26
CA GLN A 360 38.91 0.68 -0.48
C GLN A 360 39.70 -0.41 -1.26
N LEU A 361 39.58 -1.69 -0.87
CA LEU A 361 40.13 -2.81 -1.69
C LEU A 361 39.71 -2.61 -3.15
N HIS A 362 38.45 -2.31 -3.38
CA HIS A 362 37.86 -2.24 -4.74
C HIS A 362 38.32 -0.99 -5.51
N ARG A 363 39.13 -0.10 -4.89
CA ARG A 363 39.75 1.07 -5.56
C ARG A 363 41.28 0.92 -5.63
N ASP A 364 41.78 -0.31 -5.50
CA ASP A 364 43.23 -0.63 -5.61
C ASP A 364 43.62 -0.44 -7.08
N LYS A 365 44.33 0.65 -7.40
CA LYS A 365 44.72 0.96 -8.81
C LYS A 365 45.65 -0.11 -9.38
N THR A 366 46.37 -0.86 -8.53
CA THR A 366 47.29 -1.94 -9.01
C THR A 366 46.46 -3.06 -9.62
N ILE A 367 45.18 -3.19 -9.24
CA ILE A 367 44.25 -4.23 -9.75
C ILE A 367 43.44 -3.63 -10.88
N TRP A 368 42.80 -2.49 -10.65
CA TRP A 368 41.73 -2.04 -11.55
C TRP A 368 42.26 -1.06 -12.60
N GLY A 369 43.44 -0.47 -12.40
CA GLY A 369 44.00 0.60 -13.25
C GLY A 369 43.62 1.99 -12.74
N ASP A 370 43.93 3.03 -13.53
CA ASP A 370 43.69 4.45 -13.11
C ASP A 370 42.20 4.81 -13.03
N ASP A 371 41.31 4.17 -13.80
CA ASP A 371 39.89 4.62 -13.91
C ASP A 371 39.04 4.09 -12.72
N VAL A 372 39.59 3.89 -11.52
CA VAL A 372 38.87 3.12 -10.44
C VAL A 372 37.56 3.81 -10.06
N GLU A 373 37.43 5.12 -10.28
CA GLU A 373 36.22 5.85 -9.85
C GLU A 373 35.12 5.78 -10.92
N GLU A 374 35.46 5.32 -12.12
N GLU A 374 35.44 5.30 -12.12
CA GLU A 374 34.52 5.24 -13.27
CA GLU A 374 34.52 5.26 -13.27
C GLU A 374 33.64 4.01 -13.09
C GLU A 374 33.66 4.00 -13.16
N PHE A 375 32.39 4.12 -13.53
CA PHE A 375 31.41 3.01 -13.54
C PHE A 375 31.48 2.33 -14.90
N ARG A 376 32.17 1.21 -14.97
CA ARG A 376 32.53 0.55 -16.23
C ARG A 376 32.33 -0.95 -16.09
N PRO A 377 31.09 -1.42 -16.28
CA PRO A 377 30.77 -2.82 -16.07
C PRO A 377 31.69 -3.72 -16.91
N GLU A 378 32.20 -3.19 -18.02
CA GLU A 378 33.01 -3.99 -18.96
C GLU A 378 34.29 -4.49 -18.25
N ARG A 379 34.66 -3.93 -17.10
CA ARG A 379 35.73 -4.45 -16.17
C ARG A 379 35.55 -5.93 -15.96
N PHE A 380 34.31 -6.39 -15.95
CA PHE A 380 33.96 -7.73 -15.46
C PHE A 380 33.76 -8.70 -16.65
N GLU A 381 34.11 -8.30 -17.86
CA GLU A 381 33.93 -9.13 -19.07
C GLU A 381 34.78 -10.41 -19.00
N ASN A 382 36.01 -10.38 -18.48
N ASN A 382 35.91 -10.35 -18.30
CA ASN A 382 36.73 -11.66 -18.27
CA ASN A 382 36.94 -11.42 -18.26
C ASN A 382 37.25 -11.73 -16.84
C ASN A 382 37.30 -11.71 -16.80
N PRO A 383 36.42 -12.31 -15.98
CA PRO A 383 36.68 -12.42 -14.55
C PRO A 383 37.89 -13.28 -14.19
N SER A 384 38.32 -14.18 -15.08
CA SER A 384 39.52 -15.03 -14.82
C SER A 384 40.76 -14.12 -14.69
N ALA A 385 40.75 -12.91 -15.27
CA ALA A 385 41.88 -11.96 -15.29
C ALA A 385 42.00 -11.29 -13.93
N ILE A 386 40.98 -11.36 -13.08
CA ILE A 386 41.02 -10.66 -11.76
C ILE A 386 41.88 -11.47 -10.80
N PRO A 387 42.99 -10.91 -10.23
CA PRO A 387 43.81 -11.63 -9.25
C PRO A 387 42.97 -12.07 -8.04
N GLN A 388 43.51 -13.04 -7.30
CA GLN A 388 42.84 -13.67 -6.16
C GLN A 388 42.49 -12.58 -5.14
N HIS A 389 41.29 -12.66 -4.57
CA HIS A 389 40.88 -11.80 -3.42
C HIS A 389 40.93 -10.32 -3.77
N ALA A 390 40.77 -9.96 -5.02
CA ALA A 390 40.69 -8.53 -5.41
C ALA A 390 39.27 -8.02 -5.28
N PHE A 391 38.27 -8.90 -5.38
CA PHE A 391 36.84 -8.49 -5.43
C PHE A 391 36.05 -9.28 -4.38
N LYS A 392 35.69 -8.66 -3.28
CA LYS A 392 35.24 -9.38 -2.06
C LYS A 392 33.93 -8.83 -1.51
N PRO A 393 32.94 -8.44 -2.33
CA PRO A 393 31.70 -7.87 -1.76
C PRO A 393 30.90 -8.86 -0.91
N PHE A 394 31.12 -10.16 -1.06
CA PHE A 394 30.38 -11.25 -0.33
C PHE A 394 31.32 -11.88 0.70
N GLY A 395 32.39 -11.21 1.10
CA GLY A 395 33.34 -11.70 2.11
C GLY A 395 34.17 -12.85 1.59
N ASN A 396 34.58 -13.73 2.50
CA ASN A 396 35.68 -14.68 2.19
C ASN A 396 35.38 -16.12 2.63
N GLY A 397 35.71 -17.07 1.73
CA GLY A 397 35.88 -18.50 2.06
C GLY A 397 34.62 -19.10 2.65
N GLN A 398 34.78 -19.94 3.68
CA GLN A 398 33.65 -20.71 4.24
C GLN A 398 32.71 -19.74 4.97
N ARG A 399 33.23 -18.58 5.40
CA ARG A 399 32.40 -17.50 6.00
C ARG A 399 31.93 -16.46 4.98
N ALA A 400 31.94 -16.76 3.71
CA ALA A 400 31.38 -15.87 2.68
C ALA A 400 29.84 -15.91 2.76
N CYS A 401 29.24 -14.94 2.12
CA CYS A 401 27.78 -14.76 2.08
C CYS A 401 27.13 -16.05 1.57
N ILE A 402 26.30 -16.67 2.39
CA ILE A 402 25.55 -17.87 1.91
C ILE A 402 24.49 -17.40 0.88
N GLY A 403 24.05 -16.15 0.97
CA GLY A 403 22.92 -15.60 0.18
C GLY A 403 23.33 -15.07 -1.19
N GLN A 404 24.59 -15.21 -1.61
CA GLN A 404 25.15 -14.50 -2.78
C GLN A 404 24.36 -14.87 -4.05
N GLN A 405 24.09 -16.16 -4.26
CA GLN A 405 23.35 -16.58 -5.48
C GLN A 405 21.90 -16.07 -5.39
N PHE A 406 21.33 -16.02 -4.21
CA PHE A 406 19.96 -15.51 -4.00
C PHE A 406 19.92 -14.01 -4.33
N ALA A 407 20.84 -13.24 -3.72
CA ALA A 407 20.94 -11.78 -3.87
C ALA A 407 21.14 -11.45 -5.35
N LEU A 408 21.99 -12.18 -6.05
CA LEU A 408 22.30 -11.83 -7.45
C LEU A 408 21.15 -12.28 -8.36
N HIS A 409 20.52 -13.41 -8.09
CA HIS A 409 19.37 -13.83 -8.93
C HIS A 409 18.24 -12.79 -8.81
N GLU A 410 17.83 -12.43 -7.60
CA GLU A 410 16.77 -11.42 -7.31
C GLU A 410 17.14 -10.11 -8.02
N ALA A 411 18.38 -9.64 -7.83
CA ALA A 411 18.84 -8.32 -8.35
C ALA A 411 18.86 -8.35 -9.87
N THR A 412 19.34 -9.43 -10.49
CA THR A 412 19.41 -9.51 -11.97
C THR A 412 17.98 -9.54 -12.53
N LEU A 413 17.09 -10.33 -11.94
CA LEU A 413 15.68 -10.45 -12.36
C LEU A 413 15.04 -9.07 -12.34
N VAL A 414 15.11 -8.40 -11.19
CA VAL A 414 14.37 -7.14 -10.95
C VAL A 414 14.95 -6.04 -11.86
N LEU A 415 16.28 -5.94 -11.92
CA LEU A 415 16.88 -4.88 -12.77
C LEU A 415 16.56 -5.16 -14.25
N GLY A 416 16.62 -6.43 -14.65
CA GLY A 416 16.20 -6.84 -16.00
C GLY A 416 14.82 -6.27 -16.30
N MET A 417 13.88 -6.53 -15.40
CA MET A 417 12.44 -6.17 -15.64
C MET A 417 12.29 -4.66 -15.63
N MET A 418 12.94 -3.96 -14.69
CA MET A 418 12.97 -2.47 -14.65
C MET A 418 13.44 -1.90 -16.00
N LEU A 419 14.49 -2.47 -16.58
CA LEU A 419 15.11 -1.96 -17.83
C LEU A 419 14.26 -2.33 -19.03
N LYS A 420 13.51 -3.43 -18.96
CA LYS A 420 12.60 -3.87 -20.05
C LYS A 420 11.38 -2.93 -20.09
N HIS A 421 10.84 -2.58 -18.92
CA HIS A 421 9.49 -1.95 -18.79
C HIS A 421 9.51 -0.41 -18.81
N PHE A 422 10.63 0.25 -18.48
CA PHE A 422 10.70 1.70 -18.16
C PHE A 422 11.97 2.32 -18.75
N ASP A 423 11.84 3.58 -19.20
CA ASP A 423 12.93 4.55 -19.38
C ASP A 423 13.06 5.32 -18.07
N PHE A 424 14.26 5.71 -17.68
CA PHE A 424 14.46 6.34 -16.36
C PHE A 424 14.93 7.78 -16.54
N GLU A 425 14.49 8.67 -15.66
CA GLU A 425 14.93 10.09 -15.66
C GLU A 425 15.53 10.42 -14.30
N ASP A 426 16.74 10.93 -14.30
CA ASP A 426 17.35 11.57 -13.10
C ASP A 426 16.83 13.02 -13.05
N HIS A 427 15.59 13.19 -12.62
CA HIS A 427 14.84 14.46 -12.86
C HIS A 427 15.30 15.53 -11.89
N THR A 428 15.88 15.16 -10.76
CA THR A 428 16.43 16.11 -9.76
C THR A 428 17.93 16.33 -9.97
N ASN A 429 18.58 15.64 -10.91
CA ASN A 429 20.07 15.67 -10.97
C ASN A 429 20.61 15.28 -9.58
N TYR A 430 20.17 14.13 -9.09
CA TYR A 430 20.43 13.65 -7.71
C TYR A 430 21.91 13.73 -7.35
N GLU A 431 22.21 14.35 -6.22
CA GLU A 431 23.58 14.39 -5.66
C GLU A 431 23.79 13.25 -4.66
N LEU A 432 24.71 12.32 -4.96
CA LEU A 432 24.88 11.12 -4.11
C LEU A 432 25.15 11.50 -2.66
N ASP A 433 24.35 10.94 -1.76
CA ASP A 433 24.52 11.12 -0.30
C ASP A 433 24.36 9.72 0.29
N ILE A 434 25.47 9.15 0.76
CA ILE A 434 25.48 7.75 1.23
C ILE A 434 25.22 7.72 2.74
N LYS A 435 24.06 7.21 3.12
CA LYS A 435 23.66 7.06 4.52
C LYS A 435 24.19 5.72 5.02
N GLU A 436 24.75 5.70 6.22
CA GLU A 436 25.39 4.51 6.78
C GLU A 436 24.55 4.07 7.95
N THR A 437 24.03 2.87 7.90
CA THR A 437 23.32 2.24 9.03
C THR A 437 24.06 0.93 9.28
N LEU A 438 23.34 -0.17 9.33
CA LEU A 438 23.98 -1.49 9.13
C LEU A 438 24.65 -1.53 7.76
N THR A 439 24.06 -0.86 6.77
N THR A 439 24.09 -0.76 6.82
CA THR A 439 24.52 -0.93 5.35
CA THR A 439 24.40 -0.87 5.38
C THR A 439 24.69 0.50 4.82
C THR A 439 24.68 0.52 4.82
N LEU A 440 24.84 0.60 3.51
CA LEU A 440 25.05 1.87 2.78
C LEU A 440 23.90 1.99 1.82
N LYS A 441 23.40 3.19 1.65
CA LYS A 441 22.34 3.47 0.66
C LYS A 441 22.50 4.89 0.13
N PRO A 442 22.07 5.10 -1.13
CA PRO A 442 21.90 6.43 -1.68
C PRO A 442 20.63 7.11 -1.14
N GLU A 443 20.81 7.86 -0.06
CA GLU A 443 19.68 8.46 0.69
C GLU A 443 19.02 9.49 -0.21
N GLY A 444 17.68 9.46 -0.30
CA GLY A 444 16.92 10.46 -1.06
C GLY A 444 17.01 10.25 -2.56
N PHE A 445 17.56 9.12 -3.02
CA PHE A 445 17.73 8.89 -4.47
C PHE A 445 16.33 8.74 -5.04
N VAL A 446 16.00 9.57 -6.03
CA VAL A 446 14.65 9.59 -6.64
C VAL A 446 14.79 9.63 -8.15
N VAL A 447 13.88 8.99 -8.85
CA VAL A 447 13.84 8.97 -10.33
C VAL A 447 12.38 9.11 -10.81
N LYS A 448 12.21 9.41 -12.09
CA LYS A 448 10.94 9.22 -12.82
C LYS A 448 11.10 8.05 -13.77
N ALA A 449 10.05 7.25 -13.88
CA ALA A 449 10.01 6.09 -14.76
C ALA A 449 8.92 6.30 -15.80
N LYS A 450 9.27 6.33 -17.08
CA LYS A 450 8.28 6.47 -18.16
C LYS A 450 8.04 5.08 -18.73
N SER A 451 6.83 4.55 -18.59
CA SER A 451 6.50 3.18 -19.08
C SER A 451 6.78 3.08 -20.57
N LYS A 452 7.43 1.99 -20.99
CA LYS A 452 7.49 1.56 -22.41
C LYS A 452 6.19 0.85 -22.84
N LYS A 453 5.21 0.69 -21.95
CA LYS A 453 3.84 0.15 -22.23
C LYS A 453 3.97 -1.27 -22.78
N ILE A 454 4.77 -2.12 -22.15
CA ILE A 454 4.92 -3.55 -22.51
C ILE A 454 4.16 -4.33 -21.46
N PRO A 455 3.09 -5.04 -21.83
CA PRO A 455 2.27 -5.76 -20.86
C PRO A 455 3.03 -6.91 -20.17
N LEU A 456 2.68 -7.18 -18.92
CA LEU A 456 3.03 -8.41 -18.15
C LEU A 456 2.06 -9.55 -18.50
N THR B 2 -60.63 16.22 5.92
CA THR B 2 -59.81 15.17 6.64
C THR B 2 -58.60 15.81 7.34
N ILE B 3 -58.37 17.12 7.22
CA ILE B 3 -57.07 17.75 7.60
C ILE B 3 -56.89 17.58 9.12
N LYS B 4 -55.71 17.05 9.53
CA LYS B 4 -55.35 16.72 10.93
C LYS B 4 -54.00 17.37 11.27
N GLU B 5 -53.75 17.58 12.57
CA GLU B 5 -52.44 18.08 13.06
C GLU B 5 -51.38 17.00 12.84
N MET B 6 -50.16 17.43 12.55
CA MET B 6 -48.97 16.57 12.33
C MET B 6 -48.30 16.26 13.67
N PRO B 7 -48.04 14.97 14.02
CA PRO B 7 -47.22 14.68 15.18
C PRO B 7 -45.86 15.42 15.10
N GLN B 8 -45.24 15.62 16.25
CA GLN B 8 -43.96 16.37 16.39
C GLN B 8 -43.17 15.74 17.53
N PRO B 9 -41.82 15.58 17.41
CA PRO B 9 -41.03 15.00 18.50
C PRO B 9 -40.85 16.01 19.61
N LYS B 10 -40.25 15.54 20.69
CA LYS B 10 -40.06 16.37 21.90
C LYS B 10 -39.27 17.64 21.58
N THR B 11 -39.50 18.68 22.39
CA THR B 11 -38.91 20.03 22.21
C THR B 11 -37.93 20.39 23.33
N PHE B 12 -37.07 21.37 23.02
CA PHE B 12 -35.99 21.90 23.88
C PHE B 12 -36.16 23.42 23.99
N GLY B 13 -37.34 23.85 24.44
CA GLY B 13 -37.72 25.28 24.58
C GLY B 13 -37.52 26.03 23.27
N GLU B 14 -36.69 27.08 23.27
CA GLU B 14 -36.51 28.02 22.13
C GLU B 14 -35.86 27.30 20.93
N LEU B 15 -35.04 26.27 21.19
CA LEU B 15 -34.37 25.43 20.16
C LEU B 15 -35.32 24.42 19.51
N LYS B 16 -36.56 24.32 20.00
CA LYS B 16 -37.64 23.46 19.42
C LYS B 16 -37.04 22.05 19.25
N ASN B 17 -37.06 21.44 18.06
CA ASN B 17 -36.57 20.04 17.89
C ASN B 17 -35.07 19.97 17.56
N LEU B 18 -34.40 21.09 17.30
CA LEU B 18 -33.02 21.12 16.73
C LEU B 18 -32.11 20.17 17.49
N PRO B 19 -32.06 20.16 18.87
CA PRO B 19 -31.12 19.30 19.61
C PRO B 19 -31.22 17.78 19.36
N LEU B 20 -32.35 17.31 18.84
CA LEU B 20 -32.53 15.87 18.52
C LEU B 20 -31.49 15.40 17.49
N LEU B 21 -30.97 16.30 16.64
CA LEU B 21 -29.93 15.98 15.61
C LEU B 21 -28.53 16.27 16.17
N ASN B 22 -28.42 16.65 17.45
CA ASN B 22 -27.10 16.81 18.09
C ASN B 22 -26.64 15.42 18.57
N THR B 23 -26.34 14.52 17.64
CA THR B 23 -25.95 13.12 17.92
C THR B 23 -25.03 12.68 16.78
N ASP B 24 -24.18 11.67 16.98
CA ASP B 24 -23.40 11.26 15.78
C ASP B 24 -24.23 10.27 14.95
N LYS B 25 -25.45 9.89 15.38
CA LYS B 25 -26.33 8.95 14.59
C LYS B 25 -27.69 9.60 14.30
N PRO B 26 -27.74 10.72 13.54
CA PRO B 26 -29.00 11.44 13.37
C PRO B 26 -30.03 10.67 12.53
N VAL B 27 -29.59 9.96 11.48
CA VAL B 27 -30.60 9.19 10.69
C VAL B 27 -31.21 8.11 11.56
N GLN B 28 -30.41 7.35 12.29
CA GLN B 28 -30.91 6.29 13.17
C GLN B 28 -31.88 6.89 14.21
N ALA B 29 -31.56 8.07 14.74
CA ALA B 29 -32.43 8.81 15.69
C ALA B 29 -33.78 9.14 15.02
N LEU B 30 -33.77 9.64 13.79
CA LEU B 30 -34.99 10.03 13.05
C LEU B 30 -35.80 8.78 12.77
N MET B 31 -35.15 7.61 12.54
CA MET B 31 -35.85 6.33 12.28
C MET B 31 -36.62 5.92 13.54
N LYS B 32 -36.01 6.03 14.72
CA LYS B 32 -36.69 5.72 16.02
C LYS B 32 -37.86 6.71 16.25
N ILE B 33 -37.72 7.98 15.91
CA ILE B 33 -38.84 8.98 16.03
C ILE B 33 -39.96 8.55 15.07
N ALA B 34 -39.61 8.28 13.82
CA ALA B 34 -40.61 7.81 12.82
C ALA B 34 -41.35 6.57 13.33
N ASP B 35 -40.65 5.61 13.96
CA ASP B 35 -41.29 4.38 14.48
C ASP B 35 -42.32 4.80 15.53
N GLU B 36 -42.07 5.84 16.30
CA GLU B 36 -43.02 6.26 17.38
C GLU B 36 -44.13 7.13 16.81
N LEU B 37 -43.82 8.05 15.86
CA LEU B 37 -44.78 9.13 15.46
C LEU B 37 -45.50 8.79 14.15
N GLY B 38 -44.92 7.89 13.34
CA GLY B 38 -45.55 7.29 12.17
C GLY B 38 -45.10 7.96 10.86
N GLU B 39 -45.99 8.01 9.90
CA GLU B 39 -45.61 8.27 8.46
C GLU B 39 -45.18 9.71 8.20
N ILE B 40 -45.53 10.67 9.06
CA ILE B 40 -45.17 12.10 8.91
C ILE B 40 -45.05 12.75 10.29
N PHE B 41 -43.99 13.51 10.47
CA PHE B 41 -43.83 14.36 11.67
C PHE B 41 -43.10 15.62 11.27
N LYS B 42 -43.46 16.67 12.01
CA LYS B 42 -42.97 18.05 11.92
C LYS B 42 -41.70 18.08 12.72
N PHE B 43 -40.75 18.82 12.22
CA PHE B 43 -39.47 19.12 12.86
C PHE B 43 -39.21 20.61 12.72
N GLU B 44 -39.23 21.31 13.86
CA GLU B 44 -39.07 22.77 13.88
C GLU B 44 -37.73 23.05 14.52
N ALA B 45 -37.00 24.00 13.95
CA ALA B 45 -35.82 24.62 14.60
C ALA B 45 -36.03 26.13 14.55
N PRO B 46 -35.16 26.93 15.23
CA PRO B 46 -35.21 28.40 15.09
C PRO B 46 -35.18 28.76 13.60
N GLY B 47 -36.32 29.26 13.09
CA GLY B 47 -36.48 29.83 11.74
C GLY B 47 -36.57 28.83 10.59
N ARG B 48 -36.81 27.54 10.88
N ARG B 48 -36.80 27.54 10.87
CA ARG B 48 -36.96 26.49 9.82
CA ARG B 48 -37.01 26.51 9.83
C ARG B 48 -37.99 25.44 10.27
C ARG B 48 -38.05 25.49 10.28
N VAL B 49 -38.77 24.94 9.31
CA VAL B 49 -39.69 23.78 9.53
C VAL B 49 -39.42 22.78 8.41
N THR B 50 -39.38 21.50 8.75
CA THR B 50 -39.45 20.43 7.72
C THR B 50 -40.38 19.33 8.23
N ARG B 51 -40.84 18.50 7.31
CA ARG B 51 -41.68 17.34 7.61
C ARG B 51 -40.94 16.11 7.09
N TYR B 52 -40.67 15.17 7.97
CA TYR B 52 -40.07 13.87 7.64
C TYR B 52 -41.16 12.89 7.28
N LEU B 53 -41.07 12.33 6.06
CA LEU B 53 -41.97 11.29 5.52
C LEU B 53 -41.33 9.91 5.56
N SER B 54 -42.14 8.89 5.90
CA SER B 54 -41.74 7.48 6.05
C SER B 54 -42.63 6.50 5.29
N SER B 55 -43.85 6.87 4.86
CA SER B 55 -44.75 5.89 4.22
C SER B 55 -44.60 6.00 2.70
N GLN B 56 -44.74 4.86 2.01
CA GLN B 56 -44.91 4.87 0.55
C GLN B 56 -46.13 5.71 0.17
N ARG B 57 -47.23 5.66 0.93
CA ARG B 57 -48.47 6.43 0.61
C ARG B 57 -48.12 7.91 0.42
N LEU B 58 -47.34 8.51 1.32
CA LEU B 58 -47.05 9.96 1.26
C LEU B 58 -45.87 10.20 0.29
N ILE B 59 -44.88 9.32 0.31
CA ILE B 59 -43.64 9.54 -0.49
C ILE B 59 -44.00 9.45 -1.97
N LYS B 60 -45.03 8.69 -2.33
CA LYS B 60 -45.36 8.59 -3.78
C LYS B 60 -45.88 9.94 -4.28
N GLU B 61 -46.56 10.69 -3.42
CA GLU B 61 -47.05 12.05 -3.73
C GLU B 61 -45.87 13.01 -3.79
N ALA B 62 -44.98 12.94 -2.79
CA ALA B 62 -43.76 13.76 -2.72
C ALA B 62 -42.92 13.59 -4.01
N CYS B 63 -42.99 12.42 -4.64
CA CYS B 63 -42.17 12.03 -5.82
C CYS B 63 -42.84 12.47 -7.12
N ASP B 64 -43.99 13.15 -7.00
CA ASP B 64 -44.69 13.75 -8.17
C ASP B 64 -43.98 15.05 -8.54
N GLU B 65 -43.21 15.01 -9.62
CA GLU B 65 -42.36 16.13 -10.07
C GLU B 65 -43.21 17.32 -10.51
N SER B 66 -44.50 17.16 -10.82
CA SER B 66 -45.38 18.32 -11.13
C SER B 66 -45.65 19.07 -9.83
N ARG B 67 -45.53 18.42 -8.66
CA ARG B 67 -45.96 19.00 -7.36
C ARG B 67 -44.75 19.38 -6.50
N PHE B 68 -43.63 18.67 -6.64
CA PHE B 68 -42.44 18.85 -5.77
C PHE B 68 -41.18 18.73 -6.61
N ASP B 69 -40.15 19.47 -6.22
CA ASP B 69 -38.83 19.50 -6.86
C ASP B 69 -37.78 19.27 -5.79
N LYS B 70 -36.58 18.89 -6.20
CA LYS B 70 -35.45 18.74 -5.26
C LYS B 70 -35.16 20.06 -4.54
N ASN B 71 -34.98 19.95 -3.22
CA ASN B 71 -34.54 21.01 -2.30
C ASN B 71 -33.07 20.73 -1.94
N LEU B 72 -32.29 21.78 -1.78
CA LEU B 72 -30.95 21.66 -1.19
C LEU B 72 -31.13 21.75 0.32
N SER B 73 -31.10 20.61 0.98
CA SER B 73 -31.00 20.52 2.46
C SER B 73 -29.82 21.38 2.94
N GLN B 74 -29.78 21.73 4.23
CA GLN B 74 -28.60 22.47 4.72
C GLN B 74 -27.34 21.61 4.52
N ALA B 75 -27.46 20.28 4.62
CA ALA B 75 -26.32 19.37 4.35
C ALA B 75 -25.78 19.67 2.95
N LEU B 76 -26.65 19.61 1.94
CA LEU B 76 -26.23 19.93 0.53
C LEU B 76 -25.67 21.34 0.40
N LYS B 77 -26.26 22.37 1.03
CA LYS B 77 -25.72 23.75 0.96
C LYS B 77 -24.28 23.79 1.51
N PHE B 78 -23.95 23.06 2.58
CA PHE B 78 -22.57 23.09 3.14
C PHE B 78 -21.62 22.35 2.20
N VAL B 79 -22.11 21.26 1.57
CA VAL B 79 -21.27 20.52 0.59
C VAL B 79 -21.02 21.38 -0.66
N ARG B 80 -21.98 22.23 -1.01
CA ARG B 80 -21.92 23.11 -2.21
C ARG B 80 -20.73 24.09 -2.10
N ASP B 81 -20.27 24.40 -0.90
CA ASP B 81 -19.04 25.22 -0.76
C ASP B 81 -17.83 24.57 -1.43
N PHE B 82 -17.81 23.25 -1.71
CA PHE B 82 -16.73 22.66 -2.53
C PHE B 82 -17.26 21.87 -3.73
N ALA B 83 -18.53 21.46 -3.76
CA ALA B 83 -19.10 20.76 -4.94
C ALA B 83 -19.77 21.75 -5.90
N GLY B 84 -19.90 23.03 -5.51
CA GLY B 84 -20.41 24.13 -6.35
C GLY B 84 -21.74 23.83 -7.00
N ASP B 85 -21.86 24.16 -8.29
CA ASP B 85 -23.06 23.87 -9.09
C ASP B 85 -22.82 22.63 -9.93
N GLY B 86 -22.09 21.64 -9.37
CA GLY B 86 -22.14 20.24 -9.85
C GLY B 86 -23.56 19.70 -9.82
N LEU B 87 -23.80 18.57 -10.50
CA LEU B 87 -25.15 17.99 -10.59
C LEU B 87 -25.80 17.76 -9.22
N PHE B 88 -25.05 17.34 -8.19
CA PHE B 88 -25.63 16.92 -6.90
C PHE B 88 -26.06 18.11 -6.05
N THR B 89 -25.35 19.22 -6.16
CA THR B 89 -25.61 20.40 -5.29
C THR B 89 -26.22 21.60 -6.04
N SER B 90 -26.76 21.42 -7.23
N SER B 90 -26.78 21.38 -7.22
CA SER B 90 -27.40 22.51 -8.01
CA SER B 90 -27.42 22.44 -8.05
C SER B 90 -28.92 22.38 -7.93
C SER B 90 -28.95 22.36 -7.90
N TRP B 91 -29.60 23.51 -8.00
CA TRP B 91 -31.07 23.53 -8.12
C TRP B 91 -31.42 23.14 -9.56
N THR B 92 -32.58 22.57 -9.73
CA THR B 92 -33.07 22.08 -11.00
C THR B 92 -33.17 23.25 -11.98
N HIS B 93 -33.45 24.45 -11.46
CA HIS B 93 -33.70 25.68 -12.25
C HIS B 93 -32.39 26.40 -12.60
N GLU B 94 -31.24 26.02 -12.05
CA GLU B 94 -29.94 26.58 -12.47
C GLU B 94 -29.59 26.04 -13.85
N LYS B 95 -29.23 26.94 -14.76
CA LYS B 95 -28.89 26.56 -16.14
C LYS B 95 -27.81 25.45 -16.14
N ASN B 96 -26.84 25.46 -15.23
CA ASN B 96 -25.78 24.43 -15.20
C ASN B 96 -26.31 23.05 -14.80
N TRP B 97 -27.50 22.93 -14.16
CA TRP B 97 -28.07 21.60 -13.82
C TRP B 97 -28.43 20.89 -15.15
N LYS B 98 -29.37 21.45 -15.89
N LYS B 98 -29.38 21.44 -15.90
CA LYS B 98 -29.91 20.74 -17.09
CA LYS B 98 -29.91 20.72 -17.09
C LYS B 98 -28.77 20.58 -18.11
C LYS B 98 -28.79 20.58 -18.13
N LYS B 99 -27.90 21.56 -18.20
CA LYS B 99 -26.78 21.56 -19.15
C LYS B 99 -25.86 20.37 -18.89
N ALA B 100 -25.44 20.21 -17.65
CA ALA B 100 -24.59 19.07 -17.25
C ALA B 100 -25.33 17.74 -17.38
N HIS B 101 -26.60 17.71 -16.97
CA HIS B 101 -27.47 16.52 -17.03
C HIS B 101 -27.50 16.03 -18.47
N ASN B 102 -27.77 16.96 -19.40
CA ASN B 102 -27.94 16.57 -20.82
C ASN B 102 -26.61 16.01 -21.35
N ILE B 103 -25.53 16.67 -21.03
CA ILE B 103 -24.16 16.26 -21.47
C ILE B 103 -23.80 14.90 -20.86
N LEU B 104 -24.00 14.70 -19.57
CA LEU B 104 -23.39 13.52 -18.87
C LEU B 104 -24.30 12.29 -18.96
N LEU B 105 -25.60 12.44 -19.16
CA LEU B 105 -26.53 11.29 -19.08
C LEU B 105 -26.05 10.11 -19.94
N PRO B 106 -25.67 10.30 -21.22
CA PRO B 106 -25.20 9.17 -22.03
C PRO B 106 -23.86 8.58 -21.57
N SER B 107 -23.05 9.30 -20.81
CA SER B 107 -21.79 8.80 -20.22
C SER B 107 -22.07 7.90 -19.02
N PHE B 108 -23.32 7.88 -18.53
CA PHE B 108 -23.70 7.15 -17.28
C PHE B 108 -24.71 6.05 -17.57
N SER B 109 -24.95 5.78 -18.84
CA SER B 109 -26.03 4.85 -19.26
C SER B 109 -25.52 3.41 -19.09
N GLN B 110 -26.44 2.44 -19.13
CA GLN B 110 -26.06 1.02 -19.06
C GLN B 110 -25.12 0.70 -20.23
N GLN B 111 -25.40 1.26 -21.41
CA GLN B 111 -24.53 1.11 -22.61
C GLN B 111 -23.11 1.61 -22.29
N ALA B 112 -22.98 2.76 -21.64
CA ALA B 112 -21.66 3.33 -21.31
C ALA B 112 -20.86 2.37 -20.38
N MET B 113 -21.51 1.51 -19.60
CA MET B 113 -20.78 0.64 -18.64
C MET B 113 -19.89 -0.36 -19.40
N LYS B 114 -20.21 -0.68 -20.66
CA LYS B 114 -19.31 -1.56 -21.46
C LYS B 114 -17.92 -0.92 -21.56
N GLY B 115 -17.86 0.41 -21.68
CA GLY B 115 -16.63 1.18 -21.81
C GLY B 115 -15.83 1.31 -20.53
N TYR B 116 -16.48 1.31 -19.38
CA TYR B 116 -15.79 1.45 -18.07
C TYR B 116 -15.32 0.08 -17.55
N HIS B 117 -15.89 -1.00 -18.08
CA HIS B 117 -15.79 -2.33 -17.45
C HIS B 117 -14.31 -2.68 -17.24
N ALA B 118 -13.46 -2.45 -18.26
CA ALA B 118 -12.04 -2.88 -18.18
C ALA B 118 -11.34 -2.22 -17.00
N MET B 119 -11.55 -0.91 -16.81
N MET B 119 -11.57 -0.92 -16.75
CA MET B 119 -10.92 -0.12 -15.73
CA MET B 119 -10.82 -0.23 -15.67
C MET B 119 -11.47 -0.62 -14.39
C MET B 119 -11.52 -0.46 -14.32
N MET B 120 -12.78 -0.91 -14.30
CA MET B 120 -13.38 -1.48 -13.06
C MET B 120 -12.70 -2.81 -12.72
N VAL B 121 -12.48 -3.66 -13.71
CA VAL B 121 -11.80 -4.95 -13.50
C VAL B 121 -10.39 -4.71 -12.97
N ASP B 122 -9.71 -3.69 -13.47
CA ASP B 122 -8.34 -3.36 -12.98
C ASP B 122 -8.34 -3.20 -11.45
N ILE B 123 -9.24 -2.38 -10.90
CA ILE B 123 -9.27 -2.13 -9.44
C ILE B 123 -9.81 -3.40 -8.74
N ALA B 124 -10.82 -4.07 -9.27
CA ALA B 124 -11.37 -5.29 -8.64
C ALA B 124 -10.26 -6.35 -8.50
N VAL B 125 -9.45 -6.53 -9.53
CA VAL B 125 -8.33 -7.50 -9.43
C VAL B 125 -7.34 -7.07 -8.33
N GLN B 126 -7.10 -5.75 -8.19
CA GLN B 126 -6.23 -5.25 -7.11
C GLN B 126 -6.80 -5.67 -5.74
N LEU B 127 -8.12 -5.56 -5.54
CA LEU B 127 -8.81 -6.00 -4.31
C LEU B 127 -8.61 -7.52 -4.11
N VAL B 128 -8.82 -8.32 -5.14
CA VAL B 128 -8.79 -9.78 -4.97
C VAL B 128 -7.33 -10.18 -4.66
N GLN B 129 -6.36 -9.55 -5.33
CA GLN B 129 -4.92 -9.88 -5.12
C GLN B 129 -4.54 -9.51 -3.70
N LYS B 130 -5.04 -8.38 -3.19
CA LYS B 130 -4.68 -7.97 -1.83
C LYS B 130 -5.15 -9.08 -0.86
N TRP B 131 -6.39 -9.54 -1.00
CA TRP B 131 -6.94 -10.55 -0.06
C TRP B 131 -6.24 -11.91 -0.27
N GLU B 132 -5.88 -12.25 -1.51
CA GLU B 132 -5.15 -13.50 -1.80
C GLU B 132 -3.83 -13.51 -1.06
N ARG B 133 -3.28 -12.33 -0.81
CA ARG B 133 -1.90 -12.15 -0.32
C ARG B 133 -1.90 -12.00 1.19
N LEU B 134 -3.06 -12.03 1.85
CA LEU B 134 -3.06 -11.97 3.32
C LEU B 134 -2.52 -13.31 3.86
N ASN B 135 -1.81 -13.24 4.98
CA ASN B 135 -1.29 -14.41 5.73
C ASN B 135 -2.43 -15.04 6.55
N ALA B 136 -2.21 -16.27 7.01
CA ALA B 136 -3.27 -17.11 7.63
C ALA B 136 -3.88 -16.37 8.84
N ASP B 137 -3.09 -15.64 9.64
CA ASP B 137 -3.66 -15.10 10.91
C ASP B 137 -4.48 -13.80 10.66
N GLU B 138 -4.58 -13.32 9.43
CA GLU B 138 -4.91 -11.90 9.21
C GLU B 138 -6.40 -11.77 8.88
N HIS B 139 -6.90 -10.54 8.91
CA HIS B 139 -8.32 -10.25 8.66
C HIS B 139 -8.41 -9.06 7.72
N ILE B 140 -9.63 -8.82 7.26
CA ILE B 140 -9.99 -7.79 6.28
C ILE B 140 -10.79 -6.71 7.03
N GLU B 141 -10.38 -5.45 6.89
CA GLU B 141 -11.15 -4.28 7.33
C GLU B 141 -12.10 -3.93 6.18
N VAL B 142 -13.38 -4.31 6.28
CA VAL B 142 -14.27 -4.36 5.10
C VAL B 142 -14.52 -2.96 4.56
N PRO B 143 -15.13 -1.99 5.28
CA PRO B 143 -15.42 -0.70 4.66
C PRO B 143 -14.14 0.00 4.21
N GLU B 144 -13.04 -0.26 4.90
CA GLU B 144 -11.71 0.32 4.53
C GLU B 144 -11.33 -0.20 3.14
N ASP B 145 -11.39 -1.51 2.92
CA ASP B 145 -10.99 -2.07 1.60
C ASP B 145 -12.04 -1.67 0.54
N MET B 146 -13.33 -1.66 0.87
CA MET B 146 -14.32 -1.31 -0.16
C MET B 146 -14.13 0.14 -0.60
N THR B 147 -13.79 1.04 0.31
CA THR B 147 -13.56 2.47 0.00
C THR B 147 -12.32 2.61 -0.87
N ARG B 148 -11.28 1.84 -0.60
CA ARG B 148 -10.08 1.84 -1.47
C ARG B 148 -10.54 1.54 -2.90
N LEU B 149 -11.40 0.54 -3.03
CA LEU B 149 -11.80 0.04 -4.35
C LEU B 149 -12.68 1.10 -5.02
N THR B 150 -13.71 1.58 -4.33
CA THR B 150 -14.73 2.48 -4.99
C THR B 150 -14.11 3.83 -5.35
N LEU B 151 -13.32 4.43 -4.48
CA LEU B 151 -12.56 5.67 -4.82
C LEU B 151 -11.66 5.43 -6.04
N ASP B 152 -10.88 4.36 -6.06
CA ASP B 152 -9.92 4.18 -7.16
C ASP B 152 -10.70 3.93 -8.45
N THR B 153 -11.83 3.25 -8.39
CA THR B 153 -12.61 2.96 -9.61
C THR B 153 -13.09 4.28 -10.24
N ILE B 154 -13.65 5.16 -9.43
CA ILE B 154 -14.20 6.41 -10.03
C ILE B 154 -13.01 7.28 -10.46
N GLY B 155 -11.91 7.26 -9.73
CA GLY B 155 -10.69 8.01 -10.14
C GLY B 155 -10.24 7.62 -11.53
N LEU B 156 -10.21 6.30 -11.78
CA LEU B 156 -9.63 5.71 -13.02
C LEU B 156 -10.67 5.86 -14.15
N CYS B 157 -11.93 5.47 -13.91
CA CYS B 157 -13.05 5.69 -14.88
C CYS B 157 -13.40 7.17 -15.04
N GLY B 158 -13.27 7.96 -14.01
CA GLY B 158 -13.70 9.37 -14.01
C GLY B 158 -12.72 10.23 -14.80
N PHE B 159 -11.42 10.07 -14.54
CA PHE B 159 -10.44 10.97 -15.18
C PHE B 159 -9.06 10.34 -15.32
N ASN B 160 -8.99 9.02 -15.50
CA ASN B 160 -7.76 8.24 -15.73
C ASN B 160 -6.71 8.64 -14.69
N TYR B 161 -7.14 8.83 -13.44
CA TYR B 161 -6.21 9.20 -12.34
C TYR B 161 -6.17 8.04 -11.34
N ARG B 162 -4.96 7.58 -10.98
CA ARG B 162 -4.76 6.47 -10.03
C ARG B 162 -4.50 7.03 -8.64
N PHE B 163 -5.44 6.88 -7.72
CA PHE B 163 -5.22 7.22 -6.30
C PHE B 163 -4.30 6.14 -5.66
N ASN B 164 -4.23 4.94 -6.24
CA ASN B 164 -3.33 3.85 -5.75
C ASN B 164 -3.60 3.60 -4.26
N SER B 165 -4.87 3.54 -3.90
CA SER B 165 -5.31 3.34 -2.51
C SER B 165 -4.76 2.01 -1.95
N PHE B 166 -4.60 0.99 -2.78
CA PHE B 166 -4.10 -0.31 -2.28
C PHE B 166 -2.61 -0.26 -1.99
N TYR B 167 -1.91 0.82 -2.33
CA TYR B 167 -0.46 1.02 -2.07
C TYR B 167 -0.20 1.84 -0.82
N ARG B 168 -1.24 2.13 -0.01
CA ARG B 168 -1.20 3.17 1.05
C ARG B 168 -1.91 2.69 2.29
N ASP B 169 -1.42 3.14 3.46
CA ASP B 169 -2.16 3.17 4.74
C ASP B 169 -2.83 4.56 4.88
N GLN B 170 -2.05 5.62 4.66
CA GLN B 170 -2.53 7.03 4.73
C GLN B 170 -3.16 7.38 3.40
N PRO B 171 -4.39 7.96 3.36
CA PRO B 171 -5.03 8.23 2.09
C PRO B 171 -4.16 9.17 1.25
N HIS B 172 -4.33 9.10 -0.07
CA HIS B 172 -3.89 10.18 -0.99
C HIS B 172 -4.27 11.51 -0.37
N PRO B 173 -3.43 12.58 -0.43
CA PRO B 173 -3.73 13.86 0.23
C PRO B 173 -5.04 14.53 -0.20
N PHE B 174 -5.39 14.37 -1.46
CA PHE B 174 -6.70 14.85 -1.97
C PHE B 174 -7.83 14.23 -1.12
N ILE B 175 -7.71 12.94 -0.80
CA ILE B 175 -8.78 12.19 -0.10
C ILE B 175 -8.84 12.64 1.36
N THR B 176 -7.70 12.91 1.98
CA THR B 176 -7.70 13.39 3.38
C THR B 176 -8.38 14.77 3.39
N SER B 177 -8.16 15.61 2.37
CA SER B 177 -8.82 16.93 2.32
C SER B 177 -10.34 16.77 2.06
N MET B 178 -10.69 15.93 1.11
CA MET B 178 -12.11 15.76 0.76
C MET B 178 -12.85 15.21 1.98
N VAL B 179 -12.29 14.20 2.65
CA VAL B 179 -12.94 13.58 3.84
C VAL B 179 -13.06 14.63 4.94
N ARG B 180 -12.00 15.41 5.18
CA ARG B 180 -12.05 16.44 6.26
C ARG B 180 -13.06 17.54 5.90
N ALA B 181 -13.20 17.88 4.63
CA ALA B 181 -14.16 18.91 4.17
C ALA B 181 -15.58 18.36 4.37
N LEU B 182 -15.83 17.11 3.96
CA LEU B 182 -17.15 16.47 4.19
C LEU B 182 -17.47 16.40 5.68
N ASP B 183 -16.49 16.05 6.53
N ASP B 183 -16.48 16.05 6.51
CA ASP B 183 -16.74 15.96 7.99
CA ASP B 183 -16.67 15.98 7.99
C ASP B 183 -17.07 17.36 8.54
C ASP B 183 -17.06 17.35 8.53
N GLU B 184 -16.35 18.39 8.08
CA GLU B 184 -16.60 19.79 8.52
C GLU B 184 -18.02 20.18 8.07
N ALA B 185 -18.41 19.82 6.84
CA ALA B 185 -19.74 20.17 6.27
C ALA B 185 -20.83 19.60 7.16
N MET B 186 -20.71 18.32 7.53
CA MET B 186 -21.70 17.58 8.36
C MET B 186 -21.66 18.11 9.80
N ASN B 187 -20.48 18.38 10.36
CA ASN B 187 -20.38 18.89 11.76
C ASN B 187 -21.09 20.24 11.86
N LYS B 188 -21.07 21.05 10.80
CA LYS B 188 -21.67 22.40 10.83
C LYS B 188 -23.19 22.30 10.96
N LEU B 189 -23.79 21.13 10.69
CA LEU B 189 -25.25 20.95 10.87
C LEU B 189 -25.67 21.09 12.34
N GLN B 190 -24.79 20.74 13.27
CA GLN B 190 -25.12 20.73 14.72
C GLN B 190 -24.11 21.59 15.48
N ARG B 191 -23.54 22.62 14.82
CA ARG B 191 -22.60 23.57 15.46
C ARG B 191 -23.39 24.82 15.85
N ALA B 192 -23.76 24.93 17.13
CA ALA B 192 -24.22 26.19 17.75
C ALA B 192 -23.01 27.14 17.86
N ASN B 193 -23.25 28.43 17.62
CA ASN B 193 -22.20 29.48 17.68
C ASN B 193 -21.11 29.19 16.66
N PRO B 194 -21.43 29.08 15.35
CA PRO B 194 -20.40 28.84 14.33
C PRO B 194 -19.28 29.89 14.30
N ASP B 195 -19.60 31.14 14.68
CA ASP B 195 -18.69 32.30 14.58
C ASP B 195 -17.79 32.40 15.82
N ASP B 196 -17.98 31.53 16.82
CA ASP B 196 -17.09 31.41 18.00
C ASP B 196 -15.66 31.22 17.51
N PRO B 197 -14.68 32.02 18.00
CA PRO B 197 -13.30 31.96 17.48
C PRO B 197 -12.58 30.61 17.66
N ALA B 198 -13.09 29.69 18.49
CA ALA B 198 -12.56 28.31 18.64
C ALA B 198 -12.66 27.58 17.30
N TYR B 199 -13.58 28.03 16.43
CA TYR B 199 -13.87 27.46 15.09
C TYR B 199 -13.08 28.22 14.02
N ASP B 200 -12.21 29.15 14.41
CA ASP B 200 -11.32 29.88 13.47
C ASP B 200 -10.43 28.83 12.78
N GLU B 201 -9.99 27.82 13.54
CA GLU B 201 -9.07 26.78 13.02
C GLU B 201 -9.84 25.90 12.01
N ASN B 202 -11.10 25.59 12.32
CA ASN B 202 -11.95 24.78 11.41
C ASN B 202 -11.99 25.48 10.03
N LYS B 203 -12.29 26.79 10.02
CA LYS B 203 -12.49 27.60 8.78
C LYS B 203 -11.17 27.65 7.99
N ARG B 204 -10.05 27.91 8.66
CA ARG B 204 -8.75 27.92 7.96
C ARG B 204 -8.57 26.56 7.30
N GLN B 205 -8.88 25.47 8.02
CA GLN B 205 -8.65 24.07 7.53
C GLN B 205 -9.59 23.81 6.35
N PHE B 206 -10.82 24.28 6.43
CA PHE B 206 -11.87 24.10 5.38
C PHE B 206 -11.38 24.78 4.10
N GLN B 207 -10.94 26.04 4.20
CA GLN B 207 -10.45 26.79 3.01
C GLN B 207 -9.23 26.07 2.41
N GLU B 208 -8.36 25.48 3.23
CA GLU B 208 -7.12 24.85 2.68
C GLU B 208 -7.49 23.53 1.98
N ASP B 209 -8.40 22.77 2.60
CA ASP B 209 -8.92 21.49 2.06
C ASP B 209 -9.59 21.76 0.69
N ILE B 210 -10.44 22.77 0.60
CA ILE B 210 -11.06 23.20 -0.68
C ILE B 210 -9.97 23.52 -1.70
N LYS B 211 -8.92 24.26 -1.31
CA LYS B 211 -7.81 24.60 -2.24
C LYS B 211 -7.08 23.33 -2.69
N VAL B 212 -6.79 22.38 -1.78
CA VAL B 212 -6.14 21.09 -2.17
C VAL B 212 -6.98 20.39 -3.26
N MET B 213 -8.31 20.32 -3.08
CA MET B 213 -9.19 19.62 -4.08
C MET B 213 -9.20 20.37 -5.40
N ASN B 214 -9.42 21.69 -5.38
CA ASN B 214 -9.45 22.59 -6.57
C ASN B 214 -8.12 22.48 -7.34
N ASP B 215 -7.00 22.50 -6.62
CA ASP B 215 -5.66 22.49 -7.26
C ASP B 215 -5.47 21.19 -8.01
N LEU B 216 -5.71 20.03 -7.38
CA LEU B 216 -5.47 18.74 -8.08
C LEU B 216 -6.40 18.64 -9.29
N VAL B 217 -7.70 18.97 -9.10
CA VAL B 217 -8.72 18.71 -10.14
C VAL B 217 -8.46 19.68 -11.30
N ASP B 218 -8.26 20.96 -11.00
CA ASP B 218 -7.92 21.98 -12.02
C ASP B 218 -6.66 21.58 -12.77
N LYS B 219 -5.64 21.03 -12.11
CA LYS B 219 -4.37 20.65 -12.81
C LYS B 219 -4.66 19.48 -13.74
N ILE B 220 -5.44 18.50 -13.29
CA ILE B 220 -5.79 17.34 -14.15
C ILE B 220 -6.54 17.84 -15.38
N ILE B 221 -7.50 18.76 -15.21
CA ILE B 221 -8.28 19.27 -16.38
C ILE B 221 -7.31 19.99 -17.32
N ALA B 222 -6.53 20.90 -16.77
CA ALA B 222 -5.57 21.71 -17.58
C ALA B 222 -4.57 20.74 -18.23
N ASP B 223 -4.10 19.71 -17.50
CA ASP B 223 -3.14 18.70 -18.08
C ASP B 223 -3.79 18.02 -19.27
N ARG B 224 -5.08 17.68 -19.18
CA ARG B 224 -5.75 16.90 -20.25
C ARG B 224 -5.97 17.78 -21.47
N LYS B 225 -6.43 19.01 -21.27
CA LYS B 225 -6.64 19.98 -22.37
C LYS B 225 -5.31 20.24 -23.06
N ALA B 226 -4.20 20.32 -22.32
CA ALA B 226 -2.87 20.64 -22.93
C ALA B 226 -2.32 19.42 -23.70
N SER B 227 -2.80 18.18 -23.46
CA SER B 227 -2.27 16.99 -24.16
C SER B 227 -3.12 16.67 -25.39
N GLY B 228 -4.41 17.01 -25.35
CA GLY B 228 -5.38 16.58 -26.39
C GLY B 228 -5.64 15.09 -26.35
N GLU B 229 -5.08 14.38 -25.35
CA GLU B 229 -5.31 12.93 -25.10
C GLU B 229 -6.82 12.68 -24.96
N GLN B 230 -7.33 11.66 -25.66
CA GLN B 230 -8.76 11.25 -25.67
C GLN B 230 -8.83 9.90 -24.97
N SER B 231 -9.47 9.85 -23.80
CA SER B 231 -9.51 8.62 -22.99
C SER B 231 -10.91 8.00 -23.01
N ASP B 232 -11.08 6.87 -22.30
CA ASP B 232 -12.38 6.16 -22.08
C ASP B 232 -13.01 6.71 -20.81
N ASP B 233 -12.93 8.04 -20.58
CA ASP B 233 -13.30 8.59 -19.26
C ASP B 233 -14.25 9.79 -19.38
N LEU B 234 -14.87 10.11 -18.26
CA LEU B 234 -15.86 11.20 -18.10
C LEU B 234 -15.22 12.54 -18.44
N LEU B 235 -13.94 12.74 -18.12
CA LEU B 235 -13.25 14.05 -18.35
C LEU B 235 -13.23 14.33 -19.85
N THR B 236 -12.92 13.33 -20.67
CA THR B 236 -12.93 13.45 -22.15
C THR B 236 -14.35 13.85 -22.60
N HIS B 237 -15.40 13.15 -22.12
CA HIS B 237 -16.82 13.38 -22.51
C HIS B 237 -17.17 14.82 -22.13
N MET B 238 -16.71 15.31 -20.97
CA MET B 238 -17.06 16.67 -20.51
C MET B 238 -16.28 17.73 -21.31
N LEU B 239 -15.03 17.50 -21.72
CA LEU B 239 -14.25 18.54 -22.45
C LEU B 239 -14.75 18.67 -23.89
N ASN B 240 -15.35 17.63 -24.43
CA ASN B 240 -15.78 17.47 -25.85
C ASN B 240 -17.31 17.58 -26.02
N GLY B 241 -18.10 17.38 -24.97
CA GLY B 241 -19.56 17.26 -25.12
C GLY B 241 -20.19 18.62 -25.25
N LYS B 242 -21.36 18.69 -25.88
N LYS B 242 -21.35 18.72 -25.89
CA LYS B 242 -22.18 19.93 -26.04
CA LYS B 242 -22.14 19.97 -25.93
C LYS B 242 -23.62 19.61 -25.62
C LYS B 242 -23.61 19.63 -25.61
N ASP B 243 -24.21 20.46 -24.77
CA ASP B 243 -25.64 20.35 -24.41
C ASP B 243 -26.46 20.55 -25.68
N PRO B 244 -27.22 19.56 -26.21
CA PRO B 244 -28.03 19.79 -27.41
C PRO B 244 -29.06 20.94 -27.22
N GLU B 245 -29.46 21.22 -25.99
CA GLU B 245 -30.47 22.27 -25.69
C GLU B 245 -29.87 23.67 -25.90
N THR B 246 -28.85 24.04 -25.11
CA THR B 246 -28.18 25.38 -25.17
C THR B 246 -27.16 25.41 -26.31
N GLY B 247 -26.63 24.26 -26.71
CA GLY B 247 -25.51 24.21 -27.69
C GLY B 247 -24.18 24.48 -27.06
N GLU B 248 -24.14 24.60 -25.73
CA GLU B 248 -22.94 25.04 -24.98
C GLU B 248 -22.24 23.84 -24.34
N PRO B 249 -20.89 23.87 -24.25
CA PRO B 249 -20.17 22.90 -23.45
C PRO B 249 -20.14 23.36 -21.99
N LEU B 250 -19.82 22.45 -21.08
CA LEU B 250 -19.47 22.83 -19.69
C LEU B 250 -18.17 23.64 -19.69
N ASP B 251 -18.11 24.62 -18.80
CA ASP B 251 -16.89 25.44 -18.62
C ASP B 251 -15.96 24.69 -17.64
N ASP B 252 -14.70 25.09 -17.57
CA ASP B 252 -13.68 24.28 -16.86
C ASP B 252 -13.97 24.28 -15.36
N GLU B 253 -14.54 25.35 -14.84
CA GLU B 253 -14.88 25.43 -13.42
C GLU B 253 -15.99 24.40 -13.11
N ASN B 254 -17.01 24.35 -13.94
CA ASN B 254 -18.13 23.40 -13.69
C ASN B 254 -17.62 21.95 -13.82
N ILE B 255 -16.74 21.66 -14.77
CA ILE B 255 -16.11 20.31 -14.94
C ILE B 255 -15.41 19.93 -13.64
N ARG B 256 -14.73 20.87 -13.01
CA ARG B 256 -14.05 20.58 -11.73
C ARG B 256 -15.11 20.20 -10.69
N TYR B 257 -16.21 20.94 -10.61
CA TYR B 257 -17.25 20.65 -9.61
C TYR B 257 -17.83 19.25 -9.88
N GLN B 258 -17.92 18.87 -11.14
CA GLN B 258 -18.53 17.56 -11.48
C GLN B 258 -17.58 16.49 -10.97
N ILE B 259 -16.28 16.68 -11.20
CA ILE B 259 -15.27 15.68 -10.83
C ILE B 259 -15.27 15.55 -9.33
N ILE B 260 -15.26 16.65 -8.58
CA ILE B 260 -15.27 16.57 -7.10
C ILE B 260 -16.53 15.81 -6.68
N THR B 261 -17.67 16.14 -7.31
CA THR B 261 -18.99 15.51 -7.05
C THR B 261 -18.87 13.98 -7.24
N PHE B 262 -18.29 13.53 -8.34
CA PHE B 262 -18.22 12.08 -8.62
C PHE B 262 -17.32 11.39 -7.59
N LEU B 263 -16.26 12.06 -7.16
CA LEU B 263 -15.24 11.48 -6.23
C LEU B 263 -15.87 11.33 -4.85
N ILE B 264 -16.70 12.31 -4.44
CA ILE B 264 -17.49 12.25 -3.20
C ILE B 264 -18.33 10.98 -3.28
N ALA B 265 -19.07 10.81 -4.39
N ALA B 265 -19.16 10.87 -4.33
CA ALA B 265 -20.02 9.68 -4.57
CA ALA B 265 -20.20 9.80 -4.48
C ALA B 265 -19.27 8.33 -4.66
C ALA B 265 -19.54 8.42 -4.53
N GLY B 266 -18.15 8.27 -5.37
N GLY B 266 -18.32 8.38 -5.09
CA GLY B 266 -17.37 7.03 -5.49
CA GLY B 266 -17.56 7.15 -5.35
C GLY B 266 -16.85 6.57 -4.14
C GLY B 266 -16.73 6.73 -4.16
N HIS B 267 -16.46 7.52 -3.27
N HIS B 267 -16.72 7.53 -3.08
CA HIS B 267 -15.80 7.29 -1.96
CA HIS B 267 -16.12 7.17 -1.78
C HIS B 267 -16.83 6.93 -0.88
C HIS B 267 -17.08 6.19 -1.07
N GLU B 268 -18.07 7.39 -0.98
N GLU B 268 -17.30 6.41 0.21
CA GLU B 268 -19.02 7.37 0.14
CA GLU B 268 -17.98 5.44 1.11
C GLU B 268 -19.99 6.19 0.00
C GLU B 268 -19.48 5.41 0.79
N THR B 269 -20.77 6.19 -1.08
N THR B 269 -20.00 6.42 0.09
CA THR B 269 -22.04 5.43 -1.17
CA THR B 269 -21.39 6.40 -0.40
C THR B 269 -21.76 4.00 -1.64
C THR B 269 -21.58 5.10 -1.18
N THR B 270 -20.93 3.80 -2.66
N THR B 270 -20.65 4.79 -2.10
CA THR B 270 -20.77 2.46 -3.26
CA THR B 270 -20.75 3.55 -2.92
C THR B 270 -19.98 1.57 -2.30
C THR B 270 -20.17 2.36 -2.15
N SER B 271 -19.03 2.15 -1.55
N SER B 271 -19.07 2.60 -1.44
CA SER B 271 -18.29 1.37 -0.52
CA SER B 271 -18.35 1.64 -0.55
C SER B 271 -19.28 0.92 0.56
C SER B 271 -19.32 0.97 0.43
N GLY B 272 -20.20 1.76 1.03
CA GLY B 272 -21.13 1.34 2.07
C GLY B 272 -22.05 0.25 1.53
N LEU B 273 -22.53 0.34 0.30
CA LEU B 273 -23.37 -0.72 -0.32
C LEU B 273 -22.62 -2.06 -0.25
N LEU B 274 -21.36 -2.11 -0.68
CA LEU B 274 -20.58 -3.37 -0.70
C LEU B 274 -20.36 -3.82 0.75
N SER B 275 -20.07 -2.89 1.67
CA SER B 275 -19.87 -3.27 3.09
C SER B 275 -21.14 -3.87 3.72
N PHE B 276 -22.28 -3.23 3.55
CA PHE B 276 -23.57 -3.74 4.05
C PHE B 276 -23.90 -5.04 3.34
N ALA B 277 -23.73 -5.12 2.04
CA ALA B 277 -24.03 -6.43 1.39
C ALA B 277 -23.19 -7.57 2.01
N LEU B 278 -21.89 -7.40 2.22
CA LEU B 278 -21.05 -8.50 2.74
C LEU B 278 -21.44 -8.74 4.20
N TYR B 279 -21.74 -7.68 4.97
CA TYR B 279 -22.33 -7.86 6.33
C TYR B 279 -23.51 -8.84 6.28
N PHE B 280 -24.48 -8.55 5.45
CA PHE B 280 -25.74 -9.32 5.44
C PHE B 280 -25.47 -10.75 4.93
N LEU B 281 -24.52 -10.93 4.01
CA LEU B 281 -24.21 -12.29 3.49
C LEU B 281 -23.61 -13.11 4.64
N VAL B 282 -22.65 -12.56 5.37
CA VAL B 282 -22.00 -13.36 6.44
C VAL B 282 -23.00 -13.65 7.58
N LYS B 283 -24.00 -12.81 7.80
CA LYS B 283 -25.03 -12.99 8.85
C LYS B 283 -26.13 -13.90 8.34
N ASN B 284 -26.15 -14.27 7.04
CA ASN B 284 -27.21 -15.11 6.43
C ASN B 284 -26.55 -16.13 5.52
N PRO B 285 -25.84 -17.12 6.08
CA PRO B 285 -25.04 -18.07 5.30
C PRO B 285 -25.80 -18.81 4.21
N HIS B 286 -27.12 -19.05 4.33
CA HIS B 286 -27.88 -19.70 3.20
C HIS B 286 -27.92 -18.77 1.98
N VAL B 287 -28.02 -17.46 2.23
CA VAL B 287 -28.05 -16.41 1.17
C VAL B 287 -26.66 -16.28 0.55
N LEU B 288 -25.62 -16.24 1.38
N LEU B 288 -25.62 -16.24 1.38
CA LEU B 288 -24.22 -16.22 0.89
CA LEU B 288 -24.20 -16.24 0.93
C LEU B 288 -23.99 -17.45 0.00
C LEU B 288 -23.97 -17.44 0.01
N GLN B 289 -24.49 -18.61 0.37
CA GLN B 289 -24.29 -19.83 -0.48
C GLN B 289 -25.05 -19.70 -1.82
N LYS B 290 -26.26 -19.15 -1.84
CA LYS B 290 -26.97 -18.94 -3.11
C LYS B 290 -26.12 -17.99 -3.98
N ALA B 291 -25.58 -16.91 -3.39
CA ALA B 291 -24.83 -15.89 -4.15
C ALA B 291 -23.52 -16.52 -4.63
N ALA B 292 -22.82 -17.27 -3.78
CA ALA B 292 -21.51 -17.89 -4.11
C ALA B 292 -21.70 -18.94 -5.20
N GLU B 293 -22.86 -19.61 -5.22
CA GLU B 293 -23.11 -20.67 -6.22
C GLU B 293 -23.28 -19.99 -7.60
N GLU B 294 -24.05 -18.91 -7.62
CA GLU B 294 -24.21 -18.11 -8.89
C GLU B 294 -22.86 -17.60 -9.37
N ALA B 295 -22.08 -16.99 -8.50
CA ALA B 295 -20.77 -16.45 -8.91
C ALA B 295 -19.92 -17.56 -9.51
N ALA B 296 -19.86 -18.74 -8.87
CA ALA B 296 -19.01 -19.86 -9.37
C ALA B 296 -19.49 -20.28 -10.76
N ARG B 297 -20.80 -20.38 -10.93
CA ARG B 297 -21.41 -20.92 -12.17
C ARG B 297 -21.23 -19.92 -13.33
N VAL B 298 -21.29 -18.62 -13.02
CA VAL B 298 -21.42 -17.57 -14.07
C VAL B 298 -20.02 -17.06 -14.42
N LEU B 299 -19.19 -16.74 -13.43
CA LEU B 299 -17.84 -16.18 -13.67
C LEU B 299 -16.83 -17.31 -13.98
N VAL B 300 -16.87 -17.83 -15.19
CA VAL B 300 -16.10 -19.05 -15.60
C VAL B 300 -14.71 -18.70 -16.16
N ASP B 301 -14.41 -17.40 -16.32
CA ASP B 301 -13.15 -16.89 -16.91
C ASP B 301 -12.33 -16.17 -15.86
N PRO B 302 -10.99 -16.18 -15.96
CA PRO B 302 -10.15 -15.51 -14.96
C PRO B 302 -10.52 -14.04 -14.76
N VAL B 303 -10.86 -13.35 -15.85
CA VAL B 303 -11.29 -11.92 -15.90
C VAL B 303 -12.78 -11.94 -16.21
N PRO B 304 -13.70 -11.51 -15.31
CA PRO B 304 -15.11 -11.36 -15.69
C PRO B 304 -15.34 -10.44 -16.89
N SER B 305 -16.27 -10.81 -17.77
CA SER B 305 -16.74 -9.98 -18.91
C SER B 305 -17.90 -9.10 -18.45
N TYR B 306 -18.20 -8.04 -19.22
CA TYR B 306 -19.40 -7.19 -19.02
C TYR B 306 -20.64 -8.09 -19.06
N LYS B 307 -20.71 -8.98 -20.05
CA LYS B 307 -21.85 -9.90 -20.24
C LYS B 307 -22.04 -10.75 -18.98
N GLN B 308 -20.95 -11.26 -18.41
CA GLN B 308 -21.00 -12.18 -17.22
C GLN B 308 -21.53 -11.40 -16.02
N VAL B 309 -21.06 -10.17 -15.80
CA VAL B 309 -21.60 -9.34 -14.70
C VAL B 309 -23.12 -9.16 -14.84
N LYS B 310 -23.63 -8.88 -16.05
CA LYS B 310 -25.09 -8.72 -16.27
C LYS B 310 -25.85 -10.04 -15.95
N GLN B 311 -25.19 -11.20 -15.99
CA GLN B 311 -25.80 -12.52 -15.72
C GLN B 311 -25.88 -12.77 -14.18
N LEU B 312 -25.30 -11.92 -13.32
CA LEU B 312 -25.27 -12.16 -11.84
C LEU B 312 -26.57 -11.65 -11.22
N LYS B 313 -27.67 -12.29 -11.55
CA LYS B 313 -29.02 -11.81 -11.14
C LYS B 313 -29.15 -11.82 -9.61
N TYR B 314 -28.73 -12.91 -8.98
CA TYR B 314 -28.91 -13.08 -7.52
C TYR B 314 -27.97 -12.13 -6.77
N VAL B 315 -26.73 -11.93 -7.26
CA VAL B 315 -25.82 -10.89 -6.67
C VAL B 315 -26.54 -9.53 -6.73
N GLY B 316 -27.19 -9.20 -7.86
CA GLY B 316 -28.00 -7.98 -8.04
C GLY B 316 -29.12 -7.87 -7.03
N MET B 317 -29.84 -8.97 -6.76
CA MET B 317 -30.90 -9.02 -5.72
C MET B 317 -30.29 -8.79 -4.32
N VAL B 318 -29.12 -9.38 -4.03
CA VAL B 318 -28.46 -9.16 -2.71
C VAL B 318 -28.23 -7.66 -2.56
N LEU B 319 -27.65 -7.01 -3.59
CA LEU B 319 -27.29 -5.57 -3.53
C LEU B 319 -28.57 -4.74 -3.35
N ASN B 320 -29.65 -5.08 -4.03
CA ASN B 320 -30.92 -4.32 -3.85
C ASN B 320 -31.48 -4.53 -2.45
N GLU B 321 -31.37 -5.71 -1.87
CA GLU B 321 -31.86 -5.96 -0.48
C GLU B 321 -30.96 -5.24 0.54
N ALA B 322 -29.65 -5.16 0.33
CA ALA B 322 -28.78 -4.29 1.18
C ALA B 322 -29.22 -2.83 1.06
N LEU B 323 -29.46 -2.33 -0.17
CA LEU B 323 -30.00 -0.96 -0.39
C LEU B 323 -31.35 -0.77 0.28
N ARG B 324 -32.21 -1.81 0.33
CA ARG B 324 -33.51 -1.67 1.01
C ARG B 324 -33.24 -1.39 2.50
N LEU B 325 -32.46 -2.22 3.15
CA LEU B 325 -32.34 -2.14 4.64
C LEU B 325 -31.47 -0.97 5.05
N TRP B 326 -30.39 -0.66 4.33
CA TRP B 326 -29.48 0.45 4.72
C TRP B 326 -29.05 1.22 3.48
N PRO B 327 -29.98 2.02 2.92
CA PRO B 327 -29.64 2.86 1.77
C PRO B 327 -28.54 3.84 2.20
N THR B 328 -27.38 3.80 1.56
CA THR B 328 -26.20 4.57 2.01
C THR B 328 -26.31 6.08 1.79
N ALA B 329 -27.26 6.59 0.96
CA ALA B 329 -27.57 8.03 0.95
C ALA B 329 -29.00 8.14 1.45
N PRO B 330 -29.19 8.17 2.79
CA PRO B 330 -30.42 7.73 3.40
C PRO B 330 -31.61 8.71 3.38
N ALA B 331 -31.41 9.92 2.86
CA ALA B 331 -32.47 10.94 2.84
C ALA B 331 -32.33 11.85 1.62
N PHE B 332 -33.43 12.42 1.14
CA PHE B 332 -33.34 13.56 0.20
C PHE B 332 -34.51 14.49 0.55
N SER B 333 -34.36 15.70 0.08
CA SER B 333 -35.20 16.86 0.43
C SER B 333 -35.95 17.32 -0.80
N LEU B 334 -37.19 17.79 -0.60
CA LEU B 334 -38.06 18.29 -1.67
C LEU B 334 -38.76 19.56 -1.17
N TYR B 335 -39.21 20.40 -2.08
CA TYR B 335 -40.02 21.59 -1.71
C TYR B 335 -41.27 21.62 -2.58
N ALA B 336 -42.36 22.14 -2.03
CA ALA B 336 -43.67 22.27 -2.73
C ALA B 336 -43.55 23.38 -3.77
N LYS B 337 -43.75 23.04 -5.03
CA LYS B 337 -43.73 24.00 -6.19
C LYS B 337 -44.85 25.03 -6.01
N GLU B 338 -45.97 24.59 -5.47
CA GLU B 338 -47.17 25.45 -5.24
C GLU B 338 -47.86 24.96 -3.96
N ASP B 339 -48.77 25.77 -3.42
CA ASP B 339 -49.76 25.28 -2.41
C ASP B 339 -50.35 23.95 -2.89
N THR B 340 -50.51 22.98 -1.97
CA THR B 340 -50.98 21.61 -2.31
C THR B 340 -51.30 20.87 -1.02
N VAL B 341 -52.08 19.81 -1.12
CA VAL B 341 -52.47 19.03 0.07
C VAL B 341 -51.83 17.65 -0.09
N LEU B 342 -51.05 17.28 0.92
CA LEU B 342 -50.37 15.96 0.96
C LEU B 342 -51.31 14.96 1.61
N GLY B 343 -51.60 13.87 0.89
CA GLY B 343 -52.28 12.69 1.43
C GLY B 343 -53.72 12.99 1.79
N GLY B 344 -54.30 14.02 1.18
CA GLY B 344 -55.68 14.47 1.44
C GLY B 344 -55.82 14.98 2.87
N GLU B 345 -54.71 15.16 3.60
CA GLU B 345 -54.76 15.43 5.06
C GLU B 345 -53.89 16.62 5.46
N TYR B 346 -52.77 16.88 4.76
CA TYR B 346 -51.69 17.80 5.24
C TYR B 346 -51.48 18.93 4.25
N PRO B 347 -52.14 20.09 4.47
CA PRO B 347 -51.97 21.23 3.58
C PRO B 347 -50.54 21.77 3.66
N LEU B 348 -49.96 22.02 2.50
CA LEU B 348 -48.60 22.62 2.37
C LEU B 348 -48.75 23.94 1.61
N GLU B 349 -47.91 24.90 2.01
CA GLU B 349 -47.72 26.19 1.30
C GLU B 349 -46.59 26.04 0.30
N LYS B 350 -46.64 26.80 -0.79
CA LYS B 350 -45.54 26.92 -1.76
C LYS B 350 -44.24 27.12 -0.99
N GLY B 351 -43.23 26.28 -1.30
CA GLY B 351 -41.87 26.36 -0.76
C GLY B 351 -41.69 25.47 0.48
N ASP B 352 -42.77 24.91 1.03
CA ASP B 352 -42.70 24.04 2.24
C ASP B 352 -41.77 22.87 1.94
N GLU B 353 -40.91 22.52 2.90
CA GLU B 353 -39.91 21.42 2.74
C GLU B 353 -40.44 20.07 3.23
N LEU B 354 -40.05 18.99 2.52
CA LEU B 354 -40.28 17.58 2.87
C LEU B 354 -38.90 16.87 2.87
N MET B 355 -38.66 16.03 3.85
CA MET B 355 -37.50 15.12 3.87
C MET B 355 -38.03 13.71 3.72
N VAL B 356 -37.49 12.93 2.80
CA VAL B 356 -37.84 11.51 2.59
C VAL B 356 -36.84 10.67 3.38
N LEU B 357 -37.32 9.93 4.38
CA LEU B 357 -36.48 9.04 5.21
C LEU B 357 -36.42 7.67 4.52
N ILE B 358 -35.41 7.43 3.70
CA ILE B 358 -35.41 6.21 2.83
C ILE B 358 -35.40 4.91 3.66
N PRO B 359 -34.63 4.77 4.75
CA PRO B 359 -34.65 3.52 5.51
C PRO B 359 -36.06 3.19 6.03
N GLN B 360 -36.84 4.23 6.33
CA GLN B 360 -38.21 4.04 6.86
C GLN B 360 -39.18 3.68 5.74
N LEU B 361 -39.14 4.41 4.63
CA LEU B 361 -39.85 3.99 3.41
C LEU B 361 -39.65 2.48 3.22
N HIS B 362 -38.40 2.03 3.25
CA HIS B 362 -38.02 0.64 2.87
C HIS B 362 -38.46 -0.36 3.95
N ARG B 363 -39.04 0.11 5.05
CA ARG B 363 -39.60 -0.74 6.13
C ARG B 363 -41.13 -0.62 6.21
N ASP B 364 -41.77 -0.01 5.22
CA ASP B 364 -43.23 0.19 5.16
C ASP B 364 -43.89 -1.18 5.03
N LYS B 365 -44.46 -1.68 6.13
CA LYS B 365 -45.03 -3.05 6.19
C LYS B 365 -46.16 -3.24 5.18
N THR B 366 -46.92 -2.19 4.84
CA THR B 366 -47.99 -2.24 3.81
C THR B 366 -47.40 -2.60 2.44
N ILE B 367 -46.13 -2.32 2.21
CA ILE B 367 -45.46 -2.64 0.92
C ILE B 367 -44.74 -3.99 1.02
N TRP B 368 -43.93 -4.19 2.06
CA TRP B 368 -42.95 -5.31 2.13
C TRP B 368 -43.47 -6.47 2.96
N GLY B 369 -44.53 -6.28 3.73
CA GLY B 369 -45.02 -7.34 4.64
C GLY B 369 -44.43 -7.19 6.03
N ASP B 370 -44.62 -8.18 6.90
CA ASP B 370 -44.36 -7.98 8.34
C ASP B 370 -42.88 -8.25 8.67
N ASP B 371 -42.19 -9.00 7.82
CA ASP B 371 -40.80 -9.51 7.97
C ASP B 371 -39.75 -8.45 7.52
N VAL B 372 -39.98 -7.15 7.73
CA VAL B 372 -39.22 -6.07 6.99
C VAL B 372 -37.76 -6.08 7.41
N GLU B 373 -37.42 -6.66 8.59
CA GLU B 373 -36.02 -6.64 9.10
C GLU B 373 -35.23 -7.84 8.57
N GLU B 374 -35.88 -8.82 7.96
CA GLU B 374 -35.18 -10.01 7.41
C GLU B 374 -34.46 -9.61 6.11
N PHE B 375 -33.29 -10.18 5.87
CA PHE B 375 -32.52 -9.98 4.63
C PHE B 375 -32.96 -11.10 3.69
N ARG B 376 -33.75 -10.77 2.68
CA ARG B 376 -34.36 -11.75 1.74
C ARG B 376 -34.26 -11.20 0.32
N PRO B 377 -33.15 -11.46 -0.40
CA PRO B 377 -32.95 -10.95 -1.75
C PRO B 377 -34.12 -11.32 -2.67
N GLU B 378 -34.86 -12.38 -2.27
CA GLU B 378 -35.94 -12.94 -3.14
C GLU B 378 -37.05 -11.92 -3.26
N ARG B 379 -37.10 -10.89 -2.41
CA ARG B 379 -38.07 -9.76 -2.54
C ARG B 379 -37.89 -9.09 -3.90
N PHE B 380 -36.68 -9.16 -4.47
CA PHE B 380 -36.30 -8.48 -5.72
C PHE B 380 -36.23 -9.45 -6.90
N GLU B 381 -36.78 -10.66 -6.79
CA GLU B 381 -36.76 -11.64 -7.92
C GLU B 381 -37.41 -11.03 -9.17
N ASN B 382 -38.56 -10.32 -9.03
N ASN B 382 -38.47 -10.21 -9.00
CA ASN B 382 -39.32 -9.69 -10.15
CA ASN B 382 -39.29 -9.68 -10.11
C ASN B 382 -39.42 -8.19 -9.93
C ASN B 382 -39.44 -8.18 -9.94
N PRO B 383 -38.66 -7.35 -10.68
CA PRO B 383 -38.78 -5.90 -10.54
C PRO B 383 -40.19 -5.33 -10.70
N SER B 384 -41.09 -5.92 -11.51
CA SER B 384 -42.42 -5.31 -11.77
C SER B 384 -43.31 -5.39 -10.52
N ALA B 385 -42.97 -6.27 -9.59
CA ALA B 385 -43.79 -6.54 -8.39
C ALA B 385 -43.47 -5.49 -7.32
N ILE B 386 -42.48 -4.63 -7.54
CA ILE B 386 -42.22 -3.55 -6.52
C ILE B 386 -43.05 -2.34 -6.91
N PRO B 387 -43.98 -1.86 -6.06
CA PRO B 387 -44.84 -0.74 -6.42
C PRO B 387 -44.03 0.54 -6.72
N GLN B 388 -44.57 1.46 -7.53
CA GLN B 388 -43.90 2.72 -7.88
C GLN B 388 -43.64 3.48 -6.56
N HIS B 389 -42.42 3.97 -6.43
CA HIS B 389 -41.93 4.87 -5.35
C HIS B 389 -41.86 4.13 -4.02
N ALA B 390 -41.86 2.82 -4.00
CA ALA B 390 -41.64 2.02 -2.76
C ALA B 390 -40.14 1.86 -2.44
N PHE B 391 -39.31 1.88 -3.47
CA PHE B 391 -37.87 1.52 -3.36
C PHE B 391 -37.04 2.63 -3.96
N LYS B 392 -36.44 3.50 -3.13
CA LYS B 392 -35.86 4.74 -3.67
C LYS B 392 -34.44 4.96 -3.21
N PRO B 393 -33.52 3.97 -3.24
CA PRO B 393 -32.16 4.20 -2.75
C PRO B 393 -31.42 5.22 -3.62
N PHE B 394 -31.84 5.44 -4.87
CA PHE B 394 -31.17 6.36 -5.84
C PHE B 394 -31.98 7.65 -6.07
N GLY B 395 -32.85 8.02 -5.13
CA GLY B 395 -33.65 9.25 -5.20
C GLY B 395 -34.74 9.17 -6.26
N ASN B 396 -35.10 10.29 -6.82
CA ASN B 396 -36.37 10.38 -7.59
C ASN B 396 -36.19 11.14 -8.90
N GLY B 397 -36.79 10.58 -9.96
CA GLY B 397 -37.12 11.31 -11.19
C GLY B 397 -35.87 11.86 -11.84
N GLN B 398 -35.97 13.04 -12.42
CA GLN B 398 -34.87 13.65 -13.18
C GLN B 398 -33.74 14.02 -12.21
N ARG B 399 -34.03 14.12 -10.90
CA ARG B 399 -32.96 14.39 -9.90
C ARG B 399 -32.49 13.08 -9.22
N ALA B 400 -32.74 11.91 -9.82
CA ALA B 400 -32.22 10.62 -9.33
C ALA B 400 -30.72 10.55 -9.59
N CYS B 401 -30.11 9.59 -8.91
CA CYS B 401 -28.66 9.34 -9.01
C CYS B 401 -28.27 9.11 -10.48
N ILE B 402 -27.40 9.93 -11.03
CA ILE B 402 -26.89 9.69 -12.41
C ILE B 402 -25.95 8.50 -12.38
N GLY B 403 -25.37 8.18 -11.21
CA GLY B 403 -24.34 7.14 -11.04
C GLY B 403 -24.89 5.74 -10.80
N GLN B 404 -26.22 5.55 -10.90
CA GLN B 404 -26.87 4.32 -10.40
C GLN B 404 -26.34 3.12 -11.18
N GLN B 405 -26.28 3.22 -12.52
N GLN B 405 -26.29 3.20 -12.52
CA GLN B 405 -25.84 2.07 -13.34
CA GLN B 405 -25.83 2.08 -13.36
C GLN B 405 -24.36 1.79 -13.08
C GLN B 405 -24.36 1.79 -13.06
N PHE B 406 -23.56 2.84 -12.84
CA PHE B 406 -22.11 2.78 -12.56
C PHE B 406 -21.93 2.07 -11.21
N ALA B 407 -22.59 2.57 -10.17
CA ALA B 407 -22.59 1.98 -8.81
C ALA B 407 -22.96 0.48 -8.87
N LEU B 408 -24.02 0.13 -9.58
CA LEU B 408 -24.53 -1.25 -9.51
C LEU B 408 -23.64 -2.16 -10.35
N HIS B 409 -23.05 -1.67 -11.44
CA HIS B 409 -22.09 -2.46 -12.27
C HIS B 409 -20.84 -2.77 -11.45
N GLU B 410 -20.20 -1.74 -10.91
CA GLU B 410 -19.01 -1.93 -10.07
C GLU B 410 -19.34 -2.88 -8.90
N ALA B 411 -20.44 -2.63 -8.16
CA ALA B 411 -20.77 -3.42 -6.95
C ALA B 411 -21.05 -4.89 -7.35
N THR B 412 -21.74 -5.12 -8.47
CA THR B 412 -22.05 -6.50 -8.92
C THR B 412 -20.75 -7.21 -9.30
N LEU B 413 -19.88 -6.57 -10.07
CA LEU B 413 -18.59 -7.14 -10.51
C LEU B 413 -17.74 -7.56 -9.31
N VAL B 414 -17.60 -6.64 -8.36
CA VAL B 414 -16.73 -6.80 -7.18
C VAL B 414 -17.29 -7.87 -6.26
N LEU B 415 -18.57 -7.77 -5.90
CA LEU B 415 -19.17 -8.78 -4.99
C LEU B 415 -19.12 -10.16 -5.66
N GLY B 416 -19.32 -10.20 -6.97
CA GLY B 416 -19.25 -11.47 -7.69
C GLY B 416 -17.86 -12.09 -7.60
N MET B 417 -16.82 -11.26 -7.78
CA MET B 417 -15.44 -11.74 -7.74
C MET B 417 -15.11 -12.16 -6.30
N MET B 418 -15.58 -11.40 -5.30
CA MET B 418 -15.35 -11.74 -3.88
C MET B 418 -15.93 -13.12 -3.58
N LEU B 419 -17.15 -13.37 -4.06
CA LEU B 419 -17.85 -14.64 -3.76
C LEU B 419 -17.30 -15.79 -4.59
N LYS B 420 -16.69 -15.51 -5.72
CA LYS B 420 -16.01 -16.53 -6.55
C LYS B 420 -14.73 -17.01 -5.86
N HIS B 421 -13.92 -16.06 -5.37
CA HIS B 421 -12.50 -16.30 -5.01
C HIS B 421 -12.35 -16.71 -3.54
N PHE B 422 -13.29 -16.36 -2.66
CA PHE B 422 -13.14 -16.56 -1.19
C PHE B 422 -14.38 -17.13 -0.52
N ASP B 423 -14.16 -17.92 0.55
CA ASP B 423 -15.15 -18.18 1.62
C ASP B 423 -14.91 -17.17 2.72
N PHE B 424 -15.96 -16.70 3.36
CA PHE B 424 -15.87 -15.62 4.38
C PHE B 424 -16.24 -16.16 5.75
N GLU B 425 -15.57 -15.64 6.78
CA GLU B 425 -15.82 -16.00 8.18
C GLU B 425 -16.04 -14.72 8.98
N ASP B 426 -17.22 -14.61 9.62
CA ASP B 426 -17.57 -13.57 10.63
C ASP B 426 -16.89 -13.98 11.94
N HIS B 427 -15.56 -13.88 11.96
CA HIS B 427 -14.72 -14.52 12.99
C HIS B 427 -14.92 -13.81 14.30
N THR B 428 -15.40 -12.56 14.31
CA THR B 428 -15.61 -11.80 15.57
C THR B 428 -17.09 -11.81 16.01
N ASN B 429 -18.00 -12.43 15.25
CA ASN B 429 -19.47 -12.32 15.49
C ASN B 429 -19.81 -10.83 15.56
N TYR B 430 -19.44 -10.09 14.51
CA TYR B 430 -19.49 -8.62 14.41
C TYR B 430 -20.88 -8.11 14.80
N GLU B 431 -20.93 -7.13 15.71
N GLU B 431 -20.90 -7.10 15.68
CA GLU B 431 -22.22 -6.48 16.12
CA GLU B 431 -22.14 -6.40 16.15
C GLU B 431 -22.32 -5.18 15.32
C GLU B 431 -22.29 -5.15 15.31
N LEU B 432 -23.35 -5.08 14.51
CA LEU B 432 -23.53 -3.95 13.56
C LEU B 432 -23.51 -2.62 14.33
N ASP B 433 -22.65 -1.73 13.89
CA ASP B 433 -22.46 -0.36 14.43
C ASP B 433 -22.41 0.55 13.20
N ILE B 434 -23.44 1.33 12.99
CA ILE B 434 -23.57 2.13 11.74
C ILE B 434 -23.04 3.53 11.99
N LYS B 435 -21.91 3.86 11.38
CA LYS B 435 -21.29 5.19 11.53
C LYS B 435 -21.92 6.08 10.47
N GLU B 436 -22.29 7.31 10.85
CA GLU B 436 -22.94 8.26 9.93
C GLU B 436 -21.99 9.42 9.66
N THR B 437 -21.74 9.66 8.41
CA THR B 437 -20.96 10.80 7.90
C THR B 437 -21.86 11.46 6.87
N LEU B 438 -21.38 11.68 5.66
CA LEU B 438 -22.23 11.97 4.49
C LEU B 438 -23.11 10.75 4.24
N THR B 439 -22.61 9.57 4.59
CA THR B 439 -23.20 8.27 4.26
C THR B 439 -23.31 7.37 5.51
N LEU B 440 -23.85 6.16 5.33
CA LEU B 440 -23.93 5.10 6.35
C LEU B 440 -22.85 4.05 6.05
N LYS B 441 -22.18 3.54 7.08
CA LYS B 441 -21.26 2.39 6.88
C LYS B 441 -21.21 1.53 8.12
N PRO B 442 -21.00 0.21 7.99
CA PRO B 442 -20.79 -0.66 9.15
C PRO B 442 -19.42 -0.55 9.78
N GLU B 443 -19.27 0.35 10.73
CA GLU B 443 -17.95 0.70 11.31
C GLU B 443 -17.37 -0.51 12.00
N GLY B 444 -16.09 -0.80 11.75
CA GLY B 444 -15.36 -1.89 12.43
C GLY B 444 -15.72 -3.28 11.91
N PHE B 445 -16.53 -3.35 10.86
CA PHE B 445 -16.89 -4.65 10.23
C PHE B 445 -15.58 -5.26 9.69
N VAL B 446 -15.29 -6.44 10.22
CA VAL B 446 -14.10 -7.27 9.84
C VAL B 446 -14.50 -8.69 9.53
N VAL B 447 -13.82 -9.31 8.59
CA VAL B 447 -14.00 -10.75 8.28
C VAL B 447 -12.63 -11.40 8.04
N LYS B 448 -12.64 -12.71 7.89
CA LYS B 448 -11.49 -13.48 7.41
C LYS B 448 -11.95 -14.07 6.08
N ALA B 449 -11.07 -14.05 5.10
CA ALA B 449 -11.32 -14.62 3.77
C ALA B 449 -10.37 -15.79 3.55
N LYS B 450 -10.91 -16.99 3.37
CA LYS B 450 -10.15 -18.20 2.99
C LYS B 450 -10.26 -18.37 1.48
N SER B 451 -9.12 -18.32 0.80
CA SER B 451 -9.01 -18.40 -0.67
C SER B 451 -9.58 -19.73 -1.16
N LYS B 452 -10.32 -19.68 -2.25
CA LYS B 452 -10.69 -20.89 -2.99
C LYS B 452 -9.57 -21.27 -3.96
N LYS B 453 -8.45 -20.52 -4.00
CA LYS B 453 -7.25 -20.86 -4.80
C LYS B 453 -7.66 -20.99 -6.28
N ILE B 454 -8.44 -20.04 -6.77
CA ILE B 454 -8.83 -19.99 -8.20
C ILE B 454 -8.04 -18.86 -8.85
N PRO B 455 -7.22 -19.20 -9.87
CA PRO B 455 -6.30 -18.23 -10.47
C PRO B 455 -7.07 -17.10 -11.15
N LEU B 456 -6.49 -15.89 -11.13
CA LEU B 456 -6.87 -14.75 -12.01
C LEU B 456 -6.03 -14.76 -13.29
O1 WAA C . 35.24 -0.89 12.03
C1 WAA C . 34.07 -0.89 12.35
C2 WAA C . 32.98 -0.36 11.44
C3 WAA C . 33.61 0.23 10.18
C4 WAA C . 32.22 0.74 12.14
C5 WAA C . 31.00 1.16 11.35
C6 WAA C . 30.04 0.00 11.14
C7 WAA C . 30.72 -1.23 10.51
C8 WAA C . 30.93 -0.98 9.01
C9 WAA C . 32.03 -1.56 11.25
C10 WAA C . 32.77 -2.76 10.68
C11 WAA C . 31.78 -3.85 10.35
C12 WAA C . 30.44 -3.72 10.38
C13 WAA C . 29.54 -4.90 10.19
C14 WAA C . 29.77 -2.42 10.70
C15 WAA C . 28.46 -2.37 9.90
C16 WAA C . 27.47 -3.44 10.44
C17 WAA C . 28.14 -4.78 10.27
C18 WAA C . 27.20 -5.99 10.26
C19 WAA C . 26.21 -5.92 9.10
C20 WAA C . 26.50 -6.09 11.62
N WAA C . 33.67 -1.43 13.49
CA WAA C . 34.53 -2.16 14.41
C WAA C . 33.67 -3.12 15.19
O WAA C . 32.40 -3.08 15.11
CB WAA C . 35.39 -1.25 15.29
CG WAA C . 34.58 -0.46 16.27
CD1 WAA C . 33.87 0.68 16.00
CD2 WAA C . 34.39 -0.75 17.62
NE1 WAA C . 33.28 1.12 17.16
CE2 WAA C . 33.58 0.25 18.15
CE3 WAA C . 34.87 -1.80 18.43
CZ2 WAA C . 33.24 0.17 19.52
CZ3 WAA C . 34.52 -1.87 19.79
CH2 WAA C . 33.70 -0.88 20.33
OXT WAA C . 34.29 -3.92 15.87
C1 GOL D . 38.74 -21.89 12.03
O1 GOL D . 39.90 -21.39 11.38
C2 GOL D . 39.09 -22.24 13.46
O2 GOL D . 39.47 -23.60 13.55
C3 GOL D . 37.99 -21.95 14.46
O3 GOL D . 38.48 -22.21 15.78
C1 GOL E . 30.06 3.12 -23.03
O1 GOL E . 29.73 3.15 -24.42
C2 GOL E . 30.26 1.70 -22.54
O2 GOL E . 29.36 0.84 -23.24
C3 GOL E . 30.04 1.55 -21.05
O3 GOL E . 31.26 1.58 -20.30
C1 GOL F . 35.41 -16.75 -1.92
O1 GOL F . 36.41 -16.67 -0.91
C2 GOL F . 34.65 -15.44 -2.02
O2 GOL F . 35.48 -14.46 -2.65
C3 GOL F . 33.35 -15.62 -2.77
O3 GOL F . 32.23 -15.66 -1.88
C1 GOL G . 22.90 -16.92 21.33
O1 GOL G . 23.60 -15.74 21.68
C2 GOL G . 23.15 -18.01 22.35
O2 GOL G . 24.52 -17.96 22.76
C3 GOL G . 22.80 -19.40 21.85
O3 GOL G . 23.03 -20.37 22.85
C1 GOL H . 31.96 12.84 4.35
O1 GOL H . 32.13 11.95 3.24
C2 GOL H . 32.96 12.59 5.44
O2 GOL H . 34.21 13.19 5.13
C3 GOL H . 33.19 11.12 5.75
O3 GOL H . 32.86 10.79 7.10
C1 GOL I . 0.12 -13.88 -4.92
O1 GOL I . 0.70 -12.85 -5.69
C2 GOL I . -0.84 -14.72 -5.73
O2 GOL I . -1.17 -14.00 -6.91
C3 GOL I . -2.09 -15.08 -4.94
O3 GOL I . -3.07 -15.74 -5.74
C1 GOL J . 3.78 7.40 -15.30
O1 GOL J . 4.87 8.04 -14.64
C2 GOL J . 4.25 6.17 -16.05
O2 GOL J . 4.29 5.05 -15.18
C3 GOL J . 3.40 5.86 -17.26
O3 GOL J . 4.11 6.13 -18.46
C1 GOL K . 39.14 -6.16 -14.18
O1 GOL K . 39.09 -5.23 -15.26
C2 GOL K . 40.24 -7.18 -14.34
O2 GOL K . 40.28 -7.69 -15.67
C3 GOL K . 41.58 -6.61 -13.96
O3 GOL K . 41.54 -5.19 -13.98
C1 GOL L . 28.71 -6.78 23.32
O1 GOL L . 29.88 -7.55 23.53
C2 GOL L . 27.56 -7.32 24.13
O2 GOL L . 27.28 -8.63 23.68
C3 GOL L . 26.34 -6.42 24.05
O3 GOL L . 25.14 -7.11 24.37
C1 GOL M . 33.13 -11.63 -11.60
C1 GOL M . 33.44 -11.61 -11.29
O1 GOL M . 32.49 -12.68 -12.32
O1 GOL M . 32.62 -12.27 -12.25
C2 GOL M . 33.08 -11.88 -10.11
C2 GOL M . 33.45 -12.36 -9.98
O2 GOL M . 34.25 -12.58 -9.71
O2 GOL M . 33.98 -13.67 -10.18
C3 GOL M . 31.83 -12.62 -9.67
C3 GOL M . 32.07 -12.45 -9.37
O3 GOL M . 31.71 -12.68 -8.25
O3 GOL M . 31.05 -12.64 -10.36
CO COH N . 25.21 -11.90 3.01
CO COH N . 25.18 -11.87 3.02
CHA COH N . 27.54 -13.13 5.17
CHA COH N . 27.54 -13.11 5.15
CHB COH N . 22.89 -14.11 4.13
CHB COH N . 27.38 -9.48 2.01
CHC COH N . 22.93 -10.67 0.78
CHC COH N . 22.90 -10.79 0.74
CHD COH N . 27.46 -9.54 2.04
CHD COH N . 22.91 -14.09 4.19
NA COH N . 25.21 -13.25 4.35
NA COH N . 27.03 -11.37 3.49
C1A COH N . 26.23 -13.74 5.13
C1A COH N . 27.88 -11.96 4.36
C2A COH N . 25.90 -14.82 6.07
C2A COH N . 29.24 -11.41 4.50
C3A COH N . 24.53 -15.07 5.77
C3A COH N . 29.17 -10.32 3.56
C4A COH N . 24.22 -14.11 4.71
C4A COH N . 27.81 -10.41 3.03
CMA COH N . 23.67 -16.12 6.40
CMA COH N . 30.24 -9.33 3.25
CAA COH N . 26.70 -15.58 7.08
CAA COH N . 30.38 -11.83 5.36
CBA COH N . 27.33 -16.75 6.33
CBA COH N . 30.26 -11.02 6.65
CGA COH N . 28.25 -17.63 7.18
CGA COH N . 31.46 -11.28 7.56
O1A COH N . 28.01 -18.88 7.30
O1A COH N . 32.48 -11.85 7.15
O2A COH N . 29.19 -17.05 7.81
O2A COH N . 31.37 -10.85 8.73
NB COH N . 23.33 -12.31 2.58
NB COH N . 25.14 -10.46 1.71
C1B COH N . 22.49 -13.23 3.07
C1B COH N . 26.08 -9.54 1.38
C2B COH N . 21.12 -13.34 2.48
C2B COH N . 25.79 -8.57 0.29
C3B COH N . 21.19 -12.29 1.50
C3B COH N . 24.46 -8.99 -0.02
C4B COH N . 22.53 -11.75 1.64
C4B COH N . 24.17 -10.12 0.85
CMB COH N . 19.94 -14.23 2.86
CMB COH N . 26.63 -7.45 -0.29
CAB COH N . 20.12 -11.78 0.61
CAB COH N . 23.56 -8.55 -1.10
CBB COH N . 18.89 -12.10 0.91
CBB COH N . 24.03 -7.92 -2.18
NC COH N . 25.19 -10.47 1.73
NC COH N . 23.31 -12.33 2.59
C1C COH N . 24.22 -10.04 0.89
C1C COH N . 22.48 -11.87 1.62
C2C COH N . 24.52 -8.92 0.01
C2C COH N . 21.11 -12.42 1.47
C3C COH N . 25.85 -8.59 0.43
C3C COH N . 21.17 -13.43 2.50
C4C COH N . 26.16 -9.58 1.46
C4C COH N . 22.52 -13.26 3.10
CMC COH N . 23.64 -8.29 -1.00
CMC COH N . 20.02 -12.05 0.50
CAC COH N . 26.81 -7.58 -0.08
CAC COH N . 20.11 -14.38 2.99
CBC COH N . 26.55 -6.91 -1.17
CBC COH N . 18.92 -14.46 2.48
ND COH N . 27.05 -11.42 3.49
ND COH N . 25.22 -13.22 4.36
C1D COH N . 27.85 -10.47 3.06
C1D COH N . 24.24 -14.08 4.75
C2D COH N . 29.21 -10.37 3.59
C2D COH N . 24.54 -15.06 5.80
C3D COH N . 29.26 -11.45 4.53
C3D COH N . 25.92 -14.81 6.08
C4D COH N . 27.89 -12.00 4.38
C4D COH N . 26.23 -13.72 5.13
CMD COH N . 30.25 -9.36 3.24
CMD COH N . 23.70 -16.11 6.43
CAD COH N . 30.39 -11.88 5.42
CAD COH N . 26.75 -15.57 7.08
CBD COH N . 30.30 -11.04 6.68
CBD COH N . 27.35 -16.75 6.32
CGD COH N . 31.53 -11.29 7.56
CGD COH N . 28.28 -17.62 7.18
O1D COH N . 32.54 -11.84 7.07
O1D COH N . 29.20 -17.03 7.82
O2D COH N . 31.52 -10.87 8.73
O2D COH N . 28.07 -18.88 7.27
S DMS O . 24.30 -9.55 5.59
O DMS O . 24.69 -10.38 4.45
C1 DMS O . 24.47 -10.66 6.94
C2 DMS O . 25.71 -8.51 5.89
O1 WAA P . -32.52 16.02 8.16
C1 WAA P . -31.32 16.20 7.91
C2 WAA P . -30.35 15.02 7.93
C3 WAA P . -31.18 13.82 8.32
C4 WAA P . -29.27 15.24 8.96
C5 WAA P . -28.23 14.12 8.88
C6 WAA P . -27.49 14.24 7.55
C7 WAA P . -28.47 13.98 6.42
C8 WAA P . -28.89 12.48 6.39
C9 WAA P . -29.66 14.94 6.54
C10 WAA P . -30.63 14.77 5.33
C11 WAA P . -29.84 14.84 4.00
C12 WAA P . -28.50 14.58 3.91
C13 WAA P . -27.76 14.58 2.60
C14 WAA P . -27.69 14.30 5.13
C15 WAA P . -26.65 13.28 4.69
C16 WAA P . -25.65 13.95 3.78
C17 WAA P . -26.42 14.35 2.53
C18 WAA P . -25.63 14.54 1.25
C19 WAA P . -24.86 13.28 0.82
C20 WAA P . -24.68 15.75 1.32
N WAA P . -30.85 17.40 7.57
CA WAA P . -31.62 18.60 7.35
C WAA P . -30.78 19.53 6.49
O WAA P . -31.28 20.55 6.00
CB WAA P . -32.16 19.22 8.66
CG WAA P . -31.09 19.92 9.45
CD1 WAA P . -30.24 19.30 10.34
CD2 WAA P . -30.75 21.27 9.47
NE1 WAA P . -29.42 20.23 10.87
CE2 WAA P . -29.70 21.45 10.35
CE3 WAA P . -31.29 22.36 8.76
CZ2 WAA P . -29.15 22.74 10.55
CZ3 WAA P . -30.75 23.64 8.97
CH2 WAA P . -29.68 23.83 9.87
OXT WAA P . -29.62 19.25 6.23
C1 GOL Q . -43.81 -5.89 -3.16
O1 GOL Q . -44.98 -5.42 -2.49
C2 GOL Q . -42.80 -6.50 -2.21
O2 GOL Q . -43.38 -7.59 -1.47
C3 GOL Q . -41.57 -7.00 -2.93
O3 GOL Q . -41.62 -8.40 -3.17
C1 GOL R . -19.89 13.23 11.20
C1 GOL R . -19.66 13.44 11.07
O1 GOL R . -19.27 12.81 12.41
O1 GOL R . -19.22 13.45 9.71
C2 GOL R . -21.12 14.08 11.43
C2 GOL R . -21.04 14.07 11.25
O2 GOL R . -21.23 14.44 12.80
O2 GOL R . -21.12 14.68 12.55
C3 GOL R . -22.41 13.44 10.97
C3 GOL R . -22.19 13.10 11.09
O3 GOL R . -23.07 12.74 12.02
O3 GOL R . -23.45 13.76 11.09
C1 GOL S . -36.84 26.89 -5.82
O1 GOL S . -35.44 27.02 -5.53
C2 GOL S . -37.73 27.85 -5.05
O2 GOL S . -37.12 29.14 -4.92
C3 GOL S . -38.13 27.36 -3.67
O3 GOL S . -36.99 27.07 -2.87
C1 GOL T . -16.12 11.82 4.81
O1 GOL T . -16.30 12.34 6.13
C2 GOL T . -16.24 10.31 4.72
O2 GOL T . -15.18 9.64 5.41
C3 GOL T . -17.55 9.80 5.23
O3 GOL T . -17.98 8.58 4.60
C1 GOL U . -36.27 7.45 -9.94
O1 GOL U . -37.67 7.75 -9.87
C2 GOL U . -35.94 5.96 -10.01
O2 GOL U . -36.52 5.31 -8.89
C3 GOL U . -34.43 5.69 -10.09
O3 GOL U . -34.04 4.47 -9.47
C1 GOL V . -17.95 29.82 1.60
O1 GOL V . -18.03 31.09 2.25
C2 GOL V . -17.31 28.76 2.47
O2 GOL V . -16.06 28.32 1.93
C3 GOL V . -17.10 29.21 3.90
O3 GOL V . -17.85 28.40 4.80
C1 GOL W . -31.77 13.36 23.86
O1 GOL W . -32.54 14.16 24.75
C2 GOL W . -31.46 12.01 24.49
O2 GOL W . -32.66 11.25 24.57
C3 GOL W . -30.39 11.24 23.75
O3 GOL W . -29.09 11.75 24.01
C1 GOL X . -26.80 -23.37 3.47
O1 GOL X . -27.05 -23.01 2.11
C2 GOL X . -25.38 -23.81 3.81
O2 GOL X . -24.66 -24.12 2.62
C3 GOL X . -24.63 -22.81 4.67
O3 GOL X . -23.23 -22.76 4.42
C1 GOL Y . -21.01 -23.47 -4.70
O1 GOL Y . -20.87 -23.53 -6.12
C2 GOL Y . -20.19 -22.36 -4.09
O2 GOL Y . -20.74 -22.00 -2.83
C3 GOL Y . -18.74 -22.71 -3.89
O3 GOL Y . -18.23 -22.07 -2.73
C1 GOL Z . -37.46 24.09 -11.87
O1 GOL Z . -37.66 24.71 -10.60
C2 GOL Z . -38.04 22.69 -11.88
O2 GOL Z . -38.46 22.36 -13.21
C3 GOL Z . -39.19 22.59 -10.91
O3 GOL Z . -39.84 21.34 -10.96
C1 GOL AA . -36.20 20.63 -16.26
C1 GOL AA . -35.98 20.60 -16.12
O1 GOL AA . -36.06 19.39 -16.95
O1 GOL AA . -37.01 20.99 -15.21
C2 GOL AA . -35.21 21.66 -16.76
C2 GOL AA . -35.28 21.80 -16.71
O2 GOL AA . -35.48 21.97 -18.13
O2 GOL AA . -35.89 22.14 -17.97
C3 GOL AA . -35.23 22.94 -15.94
C3 GOL AA . -35.29 23.01 -15.80
O3 GOL AA . -34.70 24.04 -16.68
O3 GOL AA . -34.92 24.20 -16.49
C1 GOL BA . -22.16 28.60 -8.21
C1 GOL BA . -21.68 29.31 -8.23
O1 GOL BA . -22.57 29.57 -7.26
O1 GOL BA . -21.51 29.69 -9.60
C2 GOL BA . -20.80 28.04 -7.89
C2 GOL BA . -20.87 28.07 -7.89
O2 GOL BA . -19.79 28.82 -8.55
O2 GOL BA . -19.67 28.06 -8.65
C3 GOL BA . -20.50 27.99 -6.41
C3 GOL BA . -20.53 27.97 -6.41
O3 GOL BA . -21.68 27.73 -5.65
O3 GOL BA . -21.70 27.77 -5.62
CO COH CA . -25.60 9.11 -6.49
CO COH CA . -25.61 9.10 -6.48
CHA COH CA . -27.68 11.83 -6.77
CHA COH CA . -27.71 11.81 -6.74
CHB COH CA . -23.40 10.51 -8.67
CHB COH CA . -27.66 7.78 -4.08
CHC COH CA . -23.59 6.35 -6.27
CHC COH CA . -23.57 6.38 -6.33
CHD COH CA . -27.68 7.84 -4.10
CHD COH CA . -23.45 10.57 -8.65
NA COH CA . -25.55 10.75 -7.49
NA COH CA . -27.27 9.66 -5.63
C1A COH CA . -26.42 11.81 -7.51
C1A COH CA . -28.02 10.78 -5.78
C2A COH CA . -26.10 12.95 -8.38
C2A COH CA . -29.27 10.90 -5.03
C3A COH CA . -24.85 12.57 -8.93
C3A COH CA . -29.26 9.70 -4.22
C4A COH CA . -24.59 11.26 -8.32
C4A COH CA . -28.01 9.04 -4.67
CMA COH CA . -24.06 13.43 -9.89
CMA COH CA . -30.26 9.24 -3.18
CAA COH CA . -26.82 14.23 -8.73
CAA COH CA . -30.32 11.97 -5.01
CBA COH CA . -27.68 13.90 -9.95
CBA COH CA . -29.90 13.08 -4.07
CGA COH CA . -28.58 15.04 -10.37
CGA COH CA . -30.99 14.08 -3.80
O1A COH CA . -29.36 15.56 -9.54
O1A COH CA . -32.20 13.93 -4.17
O2A COH CA . -28.45 15.43 -11.58
O2A COH CA . -30.60 15.10 -3.17
NB COH CA . -23.87 8.57 -7.25
NB COH CA . -25.60 7.50 -5.40
C1B COH CA . -23.09 9.20 -8.18
C1B COH CA . -26.47 7.00 -4.46
C2B COH CA . -21.82 8.55 -8.67
C2B COH CA . -26.23 5.68 -3.87
C3B COH CA . -21.94 7.29 -7.95
C3B COH CA . -25.01 5.35 -4.53
C4B COH CA . -23.17 7.42 -7.15
C4B COH CA . -24.75 6.43 -5.47
CMB COH CA . -20.77 9.05 -9.67
CMB COH CA . -27.01 4.91 -2.83
CAB COH CA . -20.98 6.13 -7.91
CAB COH CA . -24.24 4.09 -4.54
CBB COH CA . -19.80 6.22 -8.45
CBB COH CA . -24.82 2.98 -4.17
NC COH CA . -25.60 7.51 -5.41
NC COH CA . -23.88 8.60 -7.26
C1C COH CA . -24.77 6.42 -5.42
C1C COH CA . -23.17 7.46 -7.22
C2C COH CA . -25.04 5.32 -4.49
C2C COH CA . -21.91 7.32 -8.02
C3C COH CA . -26.23 5.80 -3.89
C3C COH CA . -21.91 8.62 -8.67
C4C COH CA . -26.50 7.09 -4.48
C4C COH CA . -23.14 9.27 -8.18
CMC COH CA . -24.27 4.04 -4.32
CMC COH CA . -20.94 6.17 -8.08
CAC COH CA . -27.09 5.13 -2.89
CAC COH CA . -20.97 9.22 -9.70
CBC COH CA . -26.84 3.91 -2.58
CBC COH CA . -20.09 8.52 -10.31
ND COH CA . -27.26 9.69 -5.66
ND COH CA . -25.58 10.76 -7.46
C1D COH CA . -28.02 9.09 -4.71
C1D COH CA . -24.64 11.29 -8.29
C2D COH CA . -29.25 9.75 -4.24
C2D COH CA . -24.89 12.61 -8.89
C3D COH CA . -29.27 10.94 -5.06
C3D COH CA . -26.16 12.97 -8.33
C4D COH CA . -28.02 10.81 -5.82
C4D COH CA . -26.46 11.81 -7.48
CMD COH CA . -30.22 9.22 -3.20
CMD COH CA . -24.09 13.45 -9.85
CAD COH CA . -30.31 12.01 -5.05
CAD COH CA . -26.90 14.24 -8.66
CBD COH CA . -29.93 13.08 -4.05
CBD COH CA . -27.76 13.90 -9.89
CGD COH CA . -31.02 14.09 -3.80
CGD COH CA . -28.62 15.07 -10.35
O1D COH CA . -32.22 13.94 -4.18
O1D COH CA . -29.36 15.66 -9.53
O2D COH CA . -30.64 15.10 -3.16
O2D COH CA . -28.48 15.41 -11.56
S DMS DA . -23.87 10.75 -3.80
O DMS DA . -24.79 10.18 -4.77
C1 DMS DA . -24.89 11.15 -2.40
C2 DMS DA . -23.52 12.37 -4.40
C TRS EA . -5.41 -16.92 2.38
C1 TRS EA . -4.73 -16.35 3.61
C2 TRS EA . -6.42 -17.97 2.86
C3 TRS EA . -6.08 -15.80 1.57
N TRS EA . -4.38 -17.59 1.51
O1 TRS EA . -5.67 -15.74 4.48
O2 TRS EA . -6.89 -18.82 1.84
O3 TRS EA . -6.88 -14.93 2.37
#